data_1FR3
#
_entry.id   1FR3
#
_cell.length_a   109.724
_cell.length_b   138.328
_cell.length_c   110.368
_cell.angle_alpha   90.00
_cell.angle_beta   90.00
_cell.angle_gamma   90.00
#
_symmetry.space_group_name_H-M   'C 2 2 21'
#
loop_
_entity.id
_entity.type
_entity.pdbx_description
1 polymer 'MOLYBDATE/TUNGSTATE BINDING PROTEIN'
2 non-polymer TUNGSTATE(VI)ION
3 water water
#
_entity_poly.entity_id   1
_entity_poly.type   'polypeptide(L)'
_entity_poly.pdbx_seq_one_letter_code
;MKISGRNKLEATVKEIVKGTVMAKIVMDYKGTELVAAITIDSVADLDLVPGDKVTALVKATEMEVLK
;
_entity_poly.pdbx_strand_id   A,B,C,D,E,F,G,H,I,J,K,L
#
loop_
_chem_comp.id
_chem_comp.type
_chem_comp.name
_chem_comp.formula
WO4 non-polymer TUNGSTATE(VI)ION 'O4 W -2'
#
# COMPACT_ATOMS: atom_id res chain seq x y z
N MET A 1 20.95 36.43 -20.70
CA MET A 1 20.99 36.59 -19.22
C MET A 1 22.00 35.62 -18.59
N LYS A 2 22.71 36.09 -17.57
CA LYS A 2 23.58 35.17 -16.81
C LYS A 2 22.64 34.34 -15.93
N ILE A 3 23.06 33.13 -15.58
CA ILE A 3 22.28 32.16 -14.82
C ILE A 3 22.98 31.78 -13.53
N SER A 4 22.30 31.86 -12.38
CA SER A 4 22.96 31.49 -11.13
C SER A 4 23.42 30.03 -11.11
N GLY A 5 22.63 29.14 -11.69
CA GLY A 5 23.00 27.71 -11.67
C GLY A 5 24.46 27.63 -12.14
N ARG A 6 25.36 27.15 -11.29
CA ARG A 6 26.76 27.18 -11.61
C ARG A 6 27.29 26.13 -12.57
N ASN A 7 26.59 25.02 -12.74
CA ASN A 7 27.19 23.99 -13.61
C ASN A 7 26.62 24.01 -15.02
N LYS A 8 27.45 24.32 -16.00
CA LYS A 8 27.06 24.32 -17.39
C LYS A 8 27.93 23.31 -18.15
N LEU A 9 27.29 22.37 -18.83
CA LEU A 9 28.03 21.38 -19.62
C LEU A 9 27.56 21.45 -21.07
N GLU A 10 28.45 21.82 -21.99
CA GLU A 10 28.08 21.90 -23.40
C GLU A 10 28.05 20.50 -23.99
N ALA A 11 26.84 20.01 -24.25
CA ALA A 11 26.66 18.64 -24.70
C ALA A 11 25.89 18.50 -26.00
N THR A 12 25.72 17.26 -26.43
CA THR A 12 24.99 16.98 -27.66
C THR A 12 23.88 15.96 -27.38
N VAL A 13 22.67 16.24 -27.87
CA VAL A 13 21.57 15.29 -27.68
C VAL A 13 21.79 14.03 -28.52
N LYS A 14 21.68 12.88 -27.89
CA LYS A 14 21.81 11.60 -28.60
C LYS A 14 20.43 11.01 -28.89
N GLU A 15 19.58 10.94 -27.86
CA GLU A 15 18.26 10.36 -28.01
C GLU A 15 17.25 11.01 -27.07
N ILE A 16 15.98 10.96 -27.47
CA ILE A 16 14.90 11.50 -26.67
C ILE A 16 13.78 10.46 -26.55
N VAL A 17 13.36 10.17 -25.34
CA VAL A 17 12.24 9.25 -25.11
C VAL A 17 11.12 10.07 -24.47
N LYS A 18 9.97 10.16 -25.12
CA LYS A 18 8.86 10.95 -24.65
C LYS A 18 7.78 10.15 -23.93
N GLY A 19 7.45 10.54 -22.71
CA GLY A 19 6.39 9.88 -21.95
C GLY A 19 5.15 10.79 -22.03
N THR A 20 4.19 10.58 -21.13
CA THR A 20 2.99 11.42 -21.16
C THR A 20 3.26 12.79 -20.55
N VAL A 21 4.12 12.81 -19.54
CA VAL A 21 4.44 14.06 -18.84
C VAL A 21 5.91 14.42 -18.92
N MET A 22 6.76 13.42 -18.71
CA MET A 22 8.20 13.61 -18.72
C MET A 22 8.87 13.08 -19.98
N ALA A 23 10.08 13.56 -20.22
CA ALA A 23 10.89 13.13 -21.35
C ALA A 23 12.32 12.86 -20.86
N LYS A 24 12.92 11.79 -21.36
CA LYS A 24 14.30 11.46 -21.03
C LYS A 24 15.18 12.04 -22.14
N ILE A 25 16.14 12.89 -21.78
CA ILE A 25 17.04 13.48 -22.75
C ILE A 25 18.43 12.85 -22.52
N VAL A 26 18.86 12.03 -23.45
CA VAL A 26 20.15 11.35 -23.32
C VAL A 26 21.17 12.19 -24.11
N MET A 27 22.23 12.61 -23.43
CA MET A 27 23.22 13.46 -24.07
C MET A 27 24.63 12.89 -23.95
N ASP A 28 25.52 13.38 -24.81
CA ASP A 28 26.92 13.03 -24.72
C ASP A 28 27.69 14.28 -24.30
N TYR A 29 28.54 14.11 -23.30
CA TYR A 29 29.41 15.20 -22.86
C TYR A 29 30.85 14.69 -22.89
N LYS A 30 31.57 15.03 -23.96
CA LYS A 30 32.97 14.63 -24.08
C LYS A 30 33.16 13.14 -23.81
N GLY A 31 32.22 12.31 -24.26
CA GLY A 31 32.31 10.88 -24.07
C GLY A 31 31.53 10.33 -22.91
N THR A 32 31.02 11.18 -22.02
CA THR A 32 30.24 10.71 -20.88
C THR A 32 28.75 10.85 -21.21
N GLU A 33 27.96 9.83 -20.86
CA GLU A 33 26.54 9.91 -21.11
C GLU A 33 25.85 10.66 -19.96
N LEU A 34 25.03 11.64 -20.33
CA LEU A 34 24.26 12.40 -19.35
C LEU A 34 22.78 12.08 -19.58
N VAL A 35 21.99 12.15 -18.53
CA VAL A 35 20.55 11.88 -18.65
C VAL A 35 19.79 12.96 -17.88
N ALA A 36 18.96 13.70 -18.59
CA ALA A 36 18.11 14.72 -17.97
C ALA A 36 16.65 14.28 -18.09
N ALA A 37 15.88 14.49 -17.04
CA ALA A 37 14.44 14.21 -17.07
C ALA A 37 13.72 15.56 -16.97
N ILE A 38 13.12 15.97 -18.07
CA ILE A 38 12.43 17.26 -18.15
C ILE A 38 11.00 17.07 -18.64
N THR A 39 10.20 18.13 -18.68
CA THR A 39 8.82 17.94 -19.17
C THR A 39 8.77 17.84 -20.69
N ILE A 40 7.73 17.15 -21.19
CA ILE A 40 7.55 17.06 -22.64
C ILE A 40 7.29 18.46 -23.20
N ASP A 41 6.71 19.34 -22.38
CA ASP A 41 6.45 20.71 -22.76
C ASP A 41 7.75 21.41 -23.17
N SER A 42 8.81 21.14 -22.42
CA SER A 42 10.11 21.73 -22.71
C SER A 42 10.70 21.19 -24.00
N VAL A 43 10.49 19.91 -24.27
CA VAL A 43 10.99 19.33 -25.53
C VAL A 43 10.36 20.07 -26.72
N ALA A 44 9.07 20.30 -26.62
CA ALA A 44 8.31 21.02 -27.63
C ALA A 44 8.75 22.47 -27.76
N ASP A 45 8.89 23.16 -26.62
CA ASP A 45 9.28 24.56 -26.61
C ASP A 45 10.68 24.77 -27.17
N LEU A 46 11.63 23.95 -26.74
CA LEU A 46 13.01 24.04 -27.21
C LEU A 46 13.19 23.37 -28.56
N ASP A 47 12.20 22.60 -28.99
CA ASP A 47 12.26 21.84 -30.23
C ASP A 47 13.52 20.96 -30.25
N LEU A 48 13.73 20.27 -29.12
CA LEU A 48 14.89 19.40 -28.97
C LEU A 48 14.80 18.20 -29.91
N VAL A 49 15.90 17.92 -30.60
CA VAL A 49 16.00 16.77 -31.49
C VAL A 49 17.41 16.20 -31.40
N PRO A 50 17.57 14.92 -31.72
CA PRO A 50 18.88 14.29 -31.72
C PRO A 50 19.86 15.08 -32.56
N GLY A 51 21.07 15.29 -32.04
CA GLY A 51 22.11 16.02 -32.76
C GLY A 51 22.20 17.47 -32.28
N ASP A 52 21.19 17.93 -31.54
CA ASP A 52 21.23 19.31 -31.07
C ASP A 52 22.37 19.58 -30.08
N LYS A 53 23.04 20.71 -30.24
CA LYS A 53 24.05 21.15 -29.28
C LYS A 53 23.27 21.91 -28.21
N VAL A 54 23.43 21.50 -26.97
CA VAL A 54 22.70 22.10 -25.86
C VAL A 54 23.61 22.28 -24.65
N THR A 55 23.08 22.97 -23.64
CA THR A 55 23.82 23.13 -22.39
C THR A 55 23.06 22.42 -21.28
N ALA A 56 23.70 21.44 -20.64
CA ALA A 56 23.10 20.79 -19.48
C ALA A 56 23.37 21.74 -18.31
N LEU A 57 22.37 22.02 -17.49
CA LEU A 57 22.50 22.96 -16.39
C LEU A 57 22.14 22.36 -15.05
N VAL A 58 23.00 22.54 -14.04
CA VAL A 58 22.71 22.00 -12.71
C VAL A 58 22.99 23.02 -11.62
N LYS A 59 22.05 23.21 -10.70
CA LYS A 59 22.27 24.14 -9.59
C LYS A 59 23.30 23.58 -8.63
N ALA A 60 24.20 24.42 -8.10
CA ALA A 60 25.24 23.98 -7.20
C ALA A 60 24.73 23.20 -6.00
N THR A 61 23.58 23.60 -5.47
CA THR A 61 23.02 22.96 -4.29
C THR A 61 22.39 21.61 -4.60
N GLU A 62 22.33 21.24 -5.88
CA GLU A 62 21.74 19.96 -6.25
C GLU A 62 22.79 18.96 -6.72
N MET A 63 24.05 19.26 -6.46
CA MET A 63 25.14 18.38 -6.87
C MET A 63 25.81 17.75 -5.66
N GLU A 64 25.78 16.44 -5.55
CA GLU A 64 26.45 15.74 -4.46
C GLU A 64 27.87 15.37 -4.88
N VAL A 65 28.68 15.02 -3.88
CA VAL A 65 30.04 14.58 -4.09
C VAL A 65 30.24 13.21 -3.42
N LEU A 66 30.81 12.27 -4.18
CA LEU A 66 31.08 10.92 -3.69
C LEU A 66 32.60 10.70 -3.71
N LYS A 67 33.11 10.02 -2.69
CA LYS A 67 34.54 9.76 -2.62
C LYS A 67 34.81 8.35 -2.07
N MET B 1 27.68 0.07 -3.98
CA MET B 1 26.25 0.09 -4.41
C MET B 1 26.06 0.88 -5.71
N LYS B 2 25.07 0.45 -6.50
CA LYS B 2 24.70 1.23 -7.69
C LYS B 2 23.80 2.35 -7.19
N ILE B 3 23.78 3.44 -7.93
CA ILE B 3 23.06 4.65 -7.54
C ILE B 3 22.06 5.07 -8.60
N SER B 4 20.81 5.33 -8.19
CA SER B 4 19.83 5.73 -9.22
C SER B 4 20.24 7.03 -9.90
N GLY B 5 20.77 8.00 -9.16
CA GLY B 5 21.19 9.28 -9.77
C GLY B 5 21.99 8.97 -11.04
N ARG B 6 21.47 9.39 -12.19
CA ARG B 6 22.07 8.99 -13.46
C ARG B 6 23.36 9.68 -13.86
N ASN B 7 23.59 10.89 -13.41
CA ASN B 7 24.76 11.64 -13.85
C ASN B 7 25.94 11.52 -12.90
N LYS B 8 26.91 10.72 -13.34
CA LYS B 8 28.16 10.55 -12.59
C LYS B 8 29.25 11.33 -13.34
N LEU B 9 29.80 12.34 -12.68
CA LEU B 9 30.85 13.16 -13.30
C LEU B 9 32.15 12.93 -12.55
N GLU B 10 33.04 12.12 -13.13
CA GLU B 10 34.32 11.79 -12.47
C GLU B 10 35.26 12.98 -12.58
N ALA B 11 35.48 13.63 -11.45
CA ALA B 11 36.22 14.88 -11.40
C ALA B 11 37.33 14.92 -10.36
N THR B 12 38.02 16.06 -10.33
CA THR B 12 39.10 16.28 -9.38
C THR B 12 38.80 17.55 -8.56
N VAL B 13 38.96 17.46 -7.24
CA VAL B 13 38.73 18.63 -6.39
C VAL B 13 39.86 19.64 -6.58
N LYS B 14 39.48 20.89 -6.83
CA LYS B 14 40.44 21.97 -7.00
C LYS B 14 40.50 22.87 -5.76
N GLU B 15 39.36 23.13 -5.15
CA GLU B 15 39.31 24.05 -4.01
C GLU B 15 38.11 23.78 -3.12
N ILE B 16 38.24 24.06 -1.84
CA ILE B 16 37.16 23.90 -0.87
C ILE B 16 37.05 25.15 0.01
N VAL B 17 35.85 25.71 0.08
CA VAL B 17 35.63 26.88 0.94
C VAL B 17 34.56 26.50 1.96
N LYS B 18 34.90 26.59 3.24
CA LYS B 18 33.98 26.19 4.29
C LYS B 18 33.30 27.36 4.98
N GLY B 19 31.97 27.28 5.02
CA GLY B 19 31.17 28.29 5.72
C GLY B 19 30.77 27.69 7.06
N THR B 20 29.77 28.27 7.72
CA THR B 20 29.35 27.74 9.02
C THR B 20 28.56 26.45 8.87
N VAL B 21 27.78 26.36 7.80
CA VAL B 21 26.93 25.19 7.54
C VAL B 21 27.26 24.55 6.21
N MET B 22 27.41 25.36 5.17
CA MET B 22 27.70 24.86 3.84
C MET B 22 29.15 24.98 3.42
N ALA B 23 29.50 24.27 2.36
CA ALA B 23 30.85 24.30 1.82
C ALA B 23 30.81 24.31 0.29
N LYS B 24 31.65 25.14 -0.31
CA LYS B 24 31.74 25.19 -1.77
C LYS B 24 32.86 24.23 -2.22
N ILE B 25 32.51 23.31 -3.10
CA ILE B 25 33.49 22.37 -3.64
C ILE B 25 33.72 22.70 -5.11
N VAL B 26 34.88 23.21 -5.48
CA VAL B 26 35.19 23.55 -6.86
C VAL B 26 35.96 22.38 -7.47
N MET B 27 35.49 21.87 -8.60
CA MET B 27 36.09 20.71 -9.22
C MET B 27 36.38 20.92 -10.71
N ASP B 28 37.32 20.13 -11.22
CA ASP B 28 37.62 20.10 -12.63
C ASP B 28 36.99 18.81 -13.18
N TYR B 29 36.19 18.95 -14.23
CA TYR B 29 35.54 17.80 -14.85
C TYR B 29 35.80 17.86 -16.36
N LYS B 30 36.70 17.00 -16.84
CA LYS B 30 37.03 16.97 -18.26
C LYS B 30 37.30 18.36 -18.83
N GLY B 31 38.01 19.18 -18.07
CA GLY B 31 38.39 20.51 -18.51
C GLY B 31 37.38 21.62 -18.25
N THR B 32 36.27 21.31 -17.61
CA THR B 32 35.25 22.30 -17.29
C THR B 32 35.07 22.38 -15.79
N GLU B 33 34.87 23.58 -15.26
CA GLU B 33 34.74 23.73 -13.81
C GLU B 33 33.33 23.43 -13.31
N LEU B 34 33.27 22.68 -12.23
CA LEU B 34 32.01 22.39 -11.55
C LEU B 34 32.05 23.03 -10.17
N VAL B 35 30.88 23.37 -9.65
CA VAL B 35 30.76 23.92 -8.30
C VAL B 35 29.59 23.23 -7.61
N ALA B 36 29.86 22.56 -6.50
CA ALA B 36 28.86 21.91 -5.69
C ALA B 36 28.77 22.62 -4.34
N ALA B 37 27.59 22.64 -3.73
CA ALA B 37 27.41 23.22 -2.40
C ALA B 37 26.83 22.13 -1.51
N ILE B 38 27.67 21.58 -0.65
CA ILE B 38 27.31 20.50 0.26
C ILE B 38 27.55 20.93 1.71
N THR B 39 27.17 20.08 2.66
CA THR B 39 27.36 20.44 4.06
C THR B 39 28.82 20.28 4.49
N ILE B 40 29.18 21.09 5.49
CA ILE B 40 30.55 21.02 6.01
C ILE B 40 30.73 19.65 6.65
N ASP B 41 29.64 19.08 7.15
CA ASP B 41 29.71 17.74 7.74
C ASP B 41 30.24 16.75 6.72
N SER B 42 29.81 16.89 5.46
CA SER B 42 30.26 15.98 4.42
C SER B 42 31.74 16.13 4.09
N VAL B 43 32.22 17.37 4.06
CA VAL B 43 33.63 17.63 3.80
C VAL B 43 34.46 16.88 4.84
N ALA B 44 34.00 16.95 6.10
CA ALA B 44 34.70 16.28 7.19
C ALA B 44 34.57 14.77 7.12
N ASP B 45 33.38 14.27 6.81
CA ASP B 45 33.16 12.82 6.71
C ASP B 45 33.96 12.21 5.57
N LEU B 46 33.97 12.84 4.39
CA LEU B 46 34.68 12.34 3.24
C LEU B 46 36.17 12.70 3.27
N ASP B 47 36.55 13.54 4.22
CA ASP B 47 37.93 14.01 4.33
C ASP B 47 38.41 14.61 3.01
N LEU B 48 37.54 15.40 2.39
CA LEU B 48 37.80 16.04 1.13
C LEU B 48 38.91 17.09 1.14
N VAL B 49 39.83 16.97 0.20
CA VAL B 49 40.92 17.91 0.01
C VAL B 49 41.25 18.04 -1.47
N PRO B 50 41.89 19.14 -1.86
CA PRO B 50 42.31 19.36 -3.24
C PRO B 50 43.10 18.19 -3.79
N GLY B 51 42.89 17.83 -5.05
CA GLY B 51 43.59 16.74 -5.69
C GLY B 51 42.79 15.43 -5.62
N ASP B 52 41.85 15.37 -4.68
CA ASP B 52 41.02 14.20 -4.51
C ASP B 52 40.20 13.89 -5.78
N LYS B 53 40.22 12.62 -6.15
CA LYS B 53 39.43 12.11 -7.27
C LYS B 53 38.05 11.77 -6.68
N VAL B 54 37.01 12.43 -7.19
CA VAL B 54 35.67 12.22 -6.68
C VAL B 54 34.66 12.04 -7.81
N THR B 55 33.44 11.69 -7.42
CA THR B 55 32.36 11.62 -8.40
C THR B 55 31.33 12.70 -8.06
N ALA B 56 31.08 13.64 -8.96
CA ALA B 56 30.04 14.64 -8.72
C ALA B 56 28.76 13.92 -9.18
N LEU B 57 27.71 13.95 -8.37
CA LEU B 57 26.51 13.20 -8.71
C LEU B 57 25.29 14.10 -8.87
N VAL B 58 24.58 13.92 -9.98
CA VAL B 58 23.38 14.71 -10.21
C VAL B 58 22.21 13.82 -10.61
N LYS B 59 21.10 13.97 -9.91
CA LYS B 59 19.89 13.22 -10.26
C LYS B 59 19.34 13.71 -11.59
N ALA B 60 18.81 12.81 -12.42
CA ALA B 60 18.30 13.17 -13.73
C ALA B 60 17.23 14.26 -13.66
N THR B 61 16.39 14.15 -12.65
CA THR B 61 15.29 15.13 -12.51
C THR B 61 15.77 16.51 -12.07
N GLU B 62 17.05 16.65 -11.76
CA GLU B 62 17.62 17.92 -11.33
C GLU B 62 18.50 18.55 -12.39
N MET B 63 18.47 18.04 -13.61
CA MET B 63 19.30 18.58 -14.69
C MET B 63 18.41 19.26 -15.73
N GLU B 64 18.60 20.54 -15.92
CA GLU B 64 17.85 21.31 -16.92
C GLU B 64 18.59 21.21 -18.26
N VAL B 65 17.92 21.54 -19.35
CA VAL B 65 18.51 21.58 -20.68
C VAL B 65 18.24 22.98 -21.26
N LEU B 66 19.28 23.60 -21.78
CA LEU B 66 19.18 24.91 -22.39
C LEU B 66 19.57 24.81 -23.86
N LYS B 67 18.87 25.57 -24.70
CA LYS B 67 19.16 25.58 -26.13
C LYS B 67 18.88 26.96 -26.72
N MET C 1 0.37 23.30 10.22
CA MET C 1 1.83 23.44 10.45
C MET C 1 2.44 24.55 9.62
N LYS C 2 3.60 25.03 10.03
CA LYS C 2 4.38 25.98 9.27
C LYS C 2 5.34 25.13 8.43
N ILE C 3 5.72 25.63 7.27
CA ILE C 3 6.57 24.91 6.31
C ILE C 3 7.87 25.64 6.07
N SER C 4 9.04 24.98 6.18
CA SER C 4 10.29 25.70 5.91
C SER C 4 10.38 26.18 4.47
N GLY C 5 9.84 25.45 3.50
CA GLY C 5 9.94 25.90 2.09
C GLY C 5 9.49 27.36 2.05
N ARG C 6 10.37 28.27 1.64
CA ARG C 6 10.03 29.69 1.75
C ARG C 6 9.08 30.25 0.71
N ASN C 7 9.06 29.68 -0.49
CA ASN C 7 8.25 30.26 -1.56
C ASN C 7 6.86 29.64 -1.65
N LYS C 8 5.87 30.46 -1.32
CA LYS C 8 4.46 30.11 -1.41
C LYS C 8 3.77 31.00 -2.44
N LEU C 9 3.18 30.40 -3.47
CA LEU C 9 2.49 31.18 -4.49
C LEU C 9 1.04 30.71 -4.56
N GLU C 10 0.09 31.58 -4.19
CA GLU C 10 -1.33 31.21 -4.24
C GLU C 10 -1.79 31.24 -5.69
N ALA C 11 -2.15 30.08 -6.21
CA ALA C 11 -2.51 29.94 -7.61
C ALA C 11 -3.79 29.14 -7.84
N THR C 12 -4.19 29.06 -9.09
CA THR C 12 -5.35 28.28 -9.50
C THR C 12 -4.97 27.22 -10.53
N VAL C 13 -5.47 26.00 -10.34
CA VAL C 13 -5.20 24.93 -11.29
C VAL C 13 -5.95 25.17 -12.60
N LYS C 14 -5.24 25.14 -13.71
CA LYS C 14 -5.86 25.32 -15.02
C LYS C 14 -6.05 23.99 -15.75
N GLU C 15 -5.05 23.11 -15.62
CA GLU C 15 -5.06 21.84 -16.35
C GLU C 15 -4.21 20.80 -15.65
N ILE C 16 -4.62 19.56 -15.78
CA ILE C 16 -3.92 18.42 -15.22
C ILE C 16 -3.76 17.32 -16.27
N VAL C 17 -2.50 16.96 -16.54
CA VAL C 17 -2.23 15.88 -17.48
C VAL C 17 -1.63 14.72 -16.69
N LYS C 18 -2.23 13.54 -16.77
CA LYS C 18 -1.79 12.39 -16.00
C LYS C 18 -1.01 11.37 -16.81
N GLY C 19 0.18 11.05 -16.34
CA GLY C 19 1.00 10.03 -16.97
C GLY C 19 0.88 8.76 -16.10
N THR C 20 1.77 7.80 -16.29
CA THR C 20 1.71 6.58 -15.49
C THR C 20 2.21 6.81 -14.07
N VAL C 21 3.21 7.67 -13.93
CA VAL C 21 3.82 7.95 -12.64
C VAL C 21 3.73 9.43 -12.26
N MET C 22 3.99 10.31 -13.22
CA MET C 22 3.97 11.74 -12.97
C MET C 22 2.72 12.41 -13.54
N ALA C 23 2.46 13.62 -13.04
CA ALA C 23 1.36 14.45 -13.51
C ALA C 23 1.86 15.88 -13.69
N LYS C 24 1.37 16.53 -14.73
CA LYS C 24 1.69 17.93 -14.99
C LYS C 24 0.55 18.79 -14.44
N ILE C 25 0.87 19.70 -13.53
CA ILE C 25 -0.13 20.59 -12.96
C ILE C 25 0.14 21.98 -13.52
N VAL C 26 -0.76 22.44 -14.38
CA VAL C 26 -0.60 23.77 -14.98
C VAL C 26 -1.44 24.75 -14.15
N MET C 27 -0.82 25.81 -13.66
CA MET C 27 -1.51 26.76 -12.79
C MET C 27 -1.36 28.21 -13.26
N ASP C 28 -2.24 29.06 -12.76
CA ASP C 28 -2.16 30.49 -13.03
C ASP C 28 -1.80 31.22 -11.75
N TYR C 29 -0.78 32.07 -11.78
CA TYR C 29 -0.39 32.88 -10.65
C TYR C 29 -0.42 34.34 -11.15
N LYS C 30 -1.49 35.05 -10.82
CA LYS C 30 -1.62 36.44 -11.24
C LYS C 30 -1.26 36.68 -12.68
N GLY C 31 -1.72 35.81 -13.59
CA GLY C 31 -1.46 35.98 -15.00
C GLY C 31 -0.24 35.27 -15.54
N THR C 32 0.61 34.76 -14.66
CA THR C 32 1.80 34.02 -15.08
C THR C 32 1.51 32.52 -14.97
N GLU C 33 1.89 31.76 -15.99
CA GLU C 33 1.64 30.32 -15.96
C GLU C 33 2.75 29.60 -15.20
N LEU C 34 2.35 28.72 -14.29
CA LEU C 34 3.27 27.87 -13.55
C LEU C 34 3.06 26.42 -13.99
N VAL C 35 4.11 25.62 -13.91
CA VAL C 35 4.03 24.21 -14.25
C VAL C 35 4.76 23.37 -13.19
N ALA C 36 4.03 22.50 -12.52
CA ALA C 36 4.62 21.62 -11.52
C ALA C 36 4.51 20.16 -11.99
N ALA C 37 5.54 19.39 -11.72
CA ALA C 37 5.53 17.96 -12.07
C ALA C 37 5.59 17.19 -10.75
N ILE C 38 4.49 16.55 -10.40
CA ILE C 38 4.35 15.79 -9.17
C ILE C 38 3.86 14.37 -9.44
N THR C 39 3.75 13.53 -8.42
CA THR C 39 3.26 12.17 -8.66
C THR C 39 1.75 12.11 -8.85
N ILE C 40 1.30 11.09 -9.61
CA ILE C 40 -0.15 10.92 -9.75
C ILE C 40 -0.72 10.58 -8.37
N ASP C 41 0.09 9.99 -7.49
CA ASP C 41 -0.36 9.68 -6.13
C ASP C 41 -0.82 10.94 -5.42
N SER C 42 -0.11 12.04 -5.64
CA SER C 42 -0.46 13.32 -5.04
C SER C 42 -1.73 13.89 -5.65
N VAL C 43 -1.92 13.72 -6.95
CA VAL C 43 -3.16 14.18 -7.59
C VAL C 43 -4.34 13.47 -6.94
N ALA C 44 -4.21 12.18 -6.69
CA ALA C 44 -5.29 11.41 -6.06
C ALA C 44 -5.49 11.79 -4.60
N ASP C 45 -4.42 11.91 -3.83
CA ASP C 45 -4.50 12.25 -2.41
C ASP C 45 -5.11 13.61 -2.15
N LEU C 46 -4.68 14.61 -2.92
CA LEU C 46 -5.18 15.98 -2.79
C LEU C 46 -6.47 16.18 -3.57
N ASP C 47 -6.82 15.21 -4.40
CA ASP C 47 -7.97 15.28 -5.29
C ASP C 47 -7.93 16.57 -6.10
N LEU C 48 -6.79 16.81 -6.76
CA LEU C 48 -6.62 18.00 -7.57
C LEU C 48 -7.50 17.94 -8.82
N VAL C 49 -8.20 19.03 -9.09
CA VAL C 49 -9.03 19.15 -10.28
C VAL C 49 -8.91 20.58 -10.80
N PRO C 50 -9.17 20.79 -12.08
CA PRO C 50 -9.12 22.11 -12.67
C PRO C 50 -10.01 23.05 -11.87
N GLY C 51 -9.54 24.25 -11.60
CA GLY C 51 -10.28 25.24 -10.83
C GLY C 51 -9.84 25.34 -9.38
N ASP C 52 -9.19 24.29 -8.85
CA ASP C 52 -8.78 24.31 -7.45
C ASP C 52 -7.84 25.46 -7.12
N LYS C 53 -8.06 26.05 -5.95
CA LYS C 53 -7.19 27.09 -5.42
C LYS C 53 -6.11 26.34 -4.61
N VAL C 54 -4.85 26.53 -4.96
CA VAL C 54 -3.78 25.81 -4.30
C VAL C 54 -2.60 26.72 -3.99
N THR C 55 -1.59 26.16 -3.32
CA THR C 55 -0.38 26.92 -3.05
C THR C 55 0.80 26.20 -3.70
N ALA C 56 1.46 26.85 -4.66
CA ALA C 56 2.65 26.25 -5.26
C ALA C 56 3.78 26.50 -4.24
N LEU C 57 4.57 25.50 -3.97
CA LEU C 57 5.62 25.58 -2.96
C LEU C 57 7.01 25.25 -3.51
N VAL C 58 7.97 26.11 -3.23
CA VAL C 58 9.33 25.92 -3.71
C VAL C 58 10.35 26.19 -2.61
N LYS C 59 11.23 25.24 -2.36
CA LYS C 59 12.28 25.43 -1.36
C LYS C 59 13.25 26.50 -1.83
N ALA C 60 13.75 27.34 -0.92
CA ALA C 60 14.67 28.41 -1.28
C ALA C 60 15.90 27.93 -2.05
N THR C 61 16.41 26.77 -1.67
CA THR C 61 17.59 26.21 -2.31
C THR C 61 17.35 25.69 -3.71
N GLU C 62 16.08 25.62 -4.13
CA GLU C 62 15.73 25.11 -5.45
C GLU C 62 15.36 26.24 -6.41
N MET C 63 15.56 27.48 -5.98
CA MET C 63 15.24 28.61 -6.85
C MET C 63 16.49 29.30 -7.37
N GLU C 64 16.64 29.32 -8.69
CA GLU C 64 17.75 30.02 -9.32
C GLU C 64 17.35 31.47 -9.60
N VAL C 65 18.34 32.29 -9.92
CA VAL C 65 18.12 33.69 -10.27
C VAL C 65 18.85 33.97 -11.58
N LEU C 66 18.19 34.65 -12.51
CA LEU C 66 18.77 34.98 -13.79
C LEU C 66 18.78 36.50 -13.97
N LYS C 67 19.84 37.02 -14.58
CA LYS C 67 19.92 38.44 -14.89
C LYS C 67 20.92 38.64 -16.04
N MET D 1 19.17 31.86 -25.34
CA MET D 1 18.80 30.42 -25.30
C MET D 1 17.51 30.19 -24.50
N LYS D 2 16.70 29.23 -24.93
CA LYS D 2 15.51 28.87 -24.17
C LYS D 2 15.95 27.93 -23.04
N ILE D 3 15.19 27.89 -21.96
CA ILE D 3 15.54 27.11 -20.77
C ILE D 3 14.44 26.11 -20.46
N SER D 4 14.78 24.85 -20.18
CA SER D 4 13.74 23.87 -19.87
C SER D 4 13.00 24.19 -18.57
N GLY D 5 13.70 24.72 -17.57
CA GLY D 5 13.03 25.07 -16.30
C GLY D 5 11.77 25.89 -16.64
N ARG D 6 10.60 25.32 -16.38
CA ARG D 6 9.36 25.94 -16.81
C ARG D 6 8.91 27.19 -16.08
N ASN D 7 9.25 27.35 -14.81
CA ASN D 7 8.72 28.49 -14.05
C ASN D 7 9.66 29.69 -14.06
N LYS D 8 9.23 30.75 -14.74
CA LYS D 8 9.99 31.99 -14.81
C LYS D 8 9.18 33.06 -14.06
N LEU D 9 9.76 33.70 -13.07
CA LEU D 9 9.09 34.71 -12.27
C LEU D 9 9.82 36.05 -12.40
N GLU D 10 9.25 37.02 -13.11
CA GLU D 10 9.89 38.32 -13.28
C GLU D 10 9.71 39.13 -12.00
N ALA D 11 10.81 39.24 -11.24
CA ALA D 11 10.80 39.86 -9.93
C ALA D 11 11.82 40.97 -9.76
N THR D 12 11.79 41.56 -8.56
CA THR D 12 12.72 42.62 -8.21
C THR D 12 13.46 42.24 -6.93
N VAL D 13 14.78 42.44 -6.91
CA VAL D 13 15.55 42.13 -5.72
C VAL D 13 15.25 43.16 -4.62
N LYS D 14 14.94 42.71 -3.42
CA LYS D 14 14.71 43.61 -2.30
C LYS D 14 15.91 43.67 -1.35
N GLU D 15 16.50 42.52 -1.08
CA GLU D 15 17.58 42.39 -0.11
C GLU D 15 18.50 41.23 -0.45
N ILE D 16 19.77 41.36 -0.08
CA ILE D 16 20.77 40.34 -0.30
C ILE D 16 21.59 40.20 0.99
N VAL D 17 21.70 38.97 1.47
CA VAL D 17 22.50 38.66 2.66
C VAL D 17 23.57 37.67 2.22
N LYS D 18 24.83 38.04 2.33
CA LYS D 18 25.93 37.19 1.89
C LYS D 18 26.62 36.47 3.04
N GLY D 19 26.74 35.17 2.89
CA GLY D 19 27.43 34.34 3.89
C GLY D 19 28.80 33.96 3.31
N THR D 20 29.42 32.91 3.86
CA THR D 20 30.72 32.49 3.38
C THR D 20 30.64 31.72 2.06
N VAL D 21 29.55 31.00 1.90
CA VAL D 21 29.35 30.17 0.70
C VAL D 21 28.04 30.50 0.01
N MET D 22 26.98 30.67 0.80
CA MET D 22 25.66 30.94 0.28
C MET D 22 25.20 32.39 0.47
N ALA D 23 24.21 32.77 -0.33
CA ALA D 23 23.59 34.09 -0.26
C ALA D 23 22.07 33.98 -0.32
N LYS D 24 21.41 34.81 0.48
CA LYS D 24 19.96 34.85 0.49
C LYS D 24 19.55 36.03 -0.41
N ILE D 25 18.73 35.75 -1.41
CA ILE D 25 18.21 36.76 -2.30
C ILE D 25 16.72 36.91 -2.02
N VAL D 26 16.31 38.03 -1.42
CA VAL D 26 14.90 38.26 -1.14
C VAL D 26 14.34 39.08 -2.30
N MET D 27 13.24 38.67 -2.89
CA MET D 27 12.66 39.36 -4.03
C MET D 27 11.16 39.62 -3.85
N ASP D 28 10.68 40.58 -4.63
CA ASP D 28 9.26 40.88 -4.68
C ASP D 28 8.72 40.38 -6.02
N TYR D 29 7.61 39.66 -5.98
CA TYR D 29 6.97 39.15 -7.19
C TYR D 29 5.48 39.45 -7.14
N LYS D 30 5.11 40.54 -7.82
CA LYS D 30 3.72 40.99 -7.85
C LYS D 30 3.09 41.01 -6.47
N GLY D 31 3.85 41.49 -5.47
CA GLY D 31 3.38 41.62 -4.11
C GLY D 31 3.71 40.48 -3.16
N THR D 32 4.23 39.38 -3.69
CA THR D 32 4.57 38.22 -2.89
C THR D 32 6.10 38.14 -2.72
N GLU D 33 6.52 37.86 -1.49
CA GLU D 33 7.95 37.76 -1.23
C GLU D 33 8.49 36.38 -1.63
N LEU D 34 9.59 36.40 -2.36
CA LEU D 34 10.32 35.19 -2.75
C LEU D 34 11.67 35.19 -2.05
N VAL D 35 12.18 33.99 -1.78
CA VAL D 35 13.48 33.83 -1.14
C VAL D 35 14.25 32.74 -1.90
N ALA D 36 15.40 33.10 -2.45
CA ALA D 36 16.25 32.14 -3.14
C ALA D 36 17.57 32.03 -2.38
N ALA D 37 18.12 30.83 -2.32
CA ALA D 37 19.42 30.59 -1.69
C ALA D 37 20.36 30.10 -2.80
N ILE D 38 21.33 30.92 -3.17
CA ILE D 38 22.26 30.64 -4.24
C ILE D 38 23.70 30.88 -3.75
N THR D 39 24.70 30.53 -4.55
CA THR D 39 26.07 30.76 -4.07
C THR D 39 26.47 32.24 -4.14
N ILE D 40 27.43 32.61 -3.29
CA ILE D 40 27.94 33.98 -3.35
C ILE D 40 28.61 34.20 -4.69
N ASP D 41 29.19 33.14 -5.27
CA ASP D 41 29.80 33.21 -6.59
C ASP D 41 28.82 33.75 -7.62
N SER D 42 27.58 33.26 -7.54
CA SER D 42 26.54 33.71 -8.46
C SER D 42 26.15 35.16 -8.20
N VAL D 43 26.09 35.57 -6.93
CA VAL D 43 25.75 36.96 -6.64
C VAL D 43 26.75 37.87 -7.34
N ALA D 44 28.02 37.48 -7.26
CA ALA D 44 29.09 38.26 -7.86
C ALA D 44 29.04 38.24 -9.38
N ASP D 45 28.86 37.04 -9.95
CA ASP D 45 28.83 36.90 -11.40
C ASP D 45 27.69 37.70 -12.01
N LEU D 46 26.50 37.58 -11.42
CA LEU D 46 25.35 38.33 -11.91
C LEU D 46 25.41 39.78 -11.43
N ASP D 47 26.28 40.04 -10.46
CA ASP D 47 26.46 41.36 -9.86
C ASP D 47 25.13 41.92 -9.36
N LEU D 48 24.41 41.12 -8.58
CA LEU D 48 23.11 41.52 -8.06
C LEU D 48 23.17 42.57 -6.96
N VAL D 49 22.26 43.53 -7.06
CA VAL D 49 22.10 44.56 -6.04
C VAL D 49 20.59 44.79 -5.84
N PRO D 50 20.21 45.27 -4.67
CA PRO D 50 18.82 45.58 -4.40
C PRO D 50 18.29 46.52 -5.46
N GLY D 51 17.07 46.26 -5.94
CA GLY D 51 16.49 47.09 -6.98
C GLY D 51 16.59 46.46 -8.37
N ASP D 52 17.52 45.53 -8.56
CA ASP D 52 17.66 44.90 -9.85
C ASP D 52 16.44 44.08 -10.27
N LYS D 53 16.16 44.12 -11.56
CA LYS D 53 15.10 43.29 -12.16
C LYS D 53 15.77 41.94 -12.49
N VAL D 54 15.17 40.86 -12.01
CA VAL D 54 15.73 39.53 -12.24
C VAL D 54 14.60 38.56 -12.57
N THR D 55 14.97 37.37 -13.06
CA THR D 55 14.00 36.33 -13.30
C THR D 55 14.31 35.18 -12.34
N ALA D 56 13.38 34.85 -11.46
CA ALA D 56 13.55 33.68 -10.59
C ALA D 56 13.15 32.47 -11.45
N LEU D 57 13.92 31.39 -11.34
CA LEU D 57 13.69 30.22 -12.18
C LEU D 57 13.55 28.96 -11.32
N VAL D 58 12.52 28.17 -11.60
CA VAL D 58 12.28 26.94 -10.86
C VAL D 58 11.92 25.81 -11.81
N LYS D 59 12.63 24.70 -11.73
CA LYS D 59 12.33 23.53 -12.57
C LYS D 59 11.00 22.93 -12.13
N ALA D 60 10.20 22.50 -13.11
CA ALA D 60 8.88 21.96 -12.79
C ALA D 60 8.89 20.84 -11.77
N THR D 61 9.92 20.00 -11.81
CA THR D 61 10.03 18.88 -10.88
C THR D 61 10.35 19.30 -9.47
N GLU D 62 10.71 20.57 -9.25
CA GLU D 62 11.04 21.06 -7.92
C GLU D 62 9.92 21.89 -7.28
N MET D 63 8.76 21.87 -7.91
CA MET D 63 7.61 22.62 -7.41
C MET D 63 6.55 21.70 -6.82
N GLU D 64 6.25 21.88 -5.55
CA GLU D 64 5.22 21.09 -4.87
C GLU D 64 3.89 21.82 -4.97
N VAL D 65 2.80 21.11 -4.66
CA VAL D 65 1.47 21.70 -4.66
C VAL D 65 0.84 21.36 -3.30
N LEU D 66 0.28 22.38 -2.68
CA LEU D 66 -0.40 22.27 -1.41
C LEU D 66 -1.88 22.63 -1.60
N LYS D 67 -2.76 21.89 -0.93
CA LYS D 67 -4.19 22.17 -1.04
C LYS D 67 -4.86 21.96 0.32
N MET E 1 32.18 3.93 -1.95
CA MET E 1 32.54 5.33 -1.68
C MET E 1 31.63 5.95 -0.63
N LYS E 2 32.12 6.97 0.08
CA LYS E 2 31.23 7.68 1.00
C LYS E 2 30.44 8.66 0.13
N ILE E 3 29.27 9.07 0.57
CA ILE E 3 28.37 9.93 -0.21
C ILE E 3 28.05 11.19 0.56
N SER E 4 28.15 12.37 -0.07
CA SER E 4 27.85 13.60 0.66
C SER E 4 26.40 13.67 1.10
N GLY E 5 25.48 13.19 0.26
CA GLY E 5 24.06 13.22 0.62
C GLY E 5 23.93 12.68 2.04
N ARG E 6 23.49 13.51 2.97
CA ARG E 6 23.49 13.11 4.38
C ARG E 6 22.43 12.13 4.82
N ASN E 7 21.29 12.07 4.15
CA ASN E 7 20.20 11.23 4.62
C ASN E 7 20.16 9.86 3.94
N LYS E 8 20.45 8.83 4.72
CA LYS E 8 20.43 7.45 4.23
C LYS E 8 19.36 6.71 5.03
N LEU E 9 18.38 6.13 4.34
CA LEU E 9 17.32 5.39 5.02
C LEU E 9 17.33 3.94 4.52
N GLU E 10 17.72 3.02 5.38
CA GLU E 10 17.76 1.60 4.99
C GLU E 10 16.33 1.09 4.93
N ALA E 11 15.82 0.87 3.72
CA ALA E 11 14.43 0.52 3.49
C ALA E 11 14.25 -0.75 2.66
N THR E 12 12.99 -1.11 2.46
CA THR E 12 12.64 -2.29 1.67
C THR E 12 11.71 -1.88 0.53
N VAL E 13 11.94 -2.38 -0.68
CA VAL E 13 11.06 -2.06 -1.80
C VAL E 13 9.72 -2.78 -1.65
N LYS E 14 8.63 -2.03 -1.72
CA LYS E 14 7.29 -2.60 -1.58
C LYS E 14 6.62 -2.76 -2.94
N GLU E 15 6.79 -1.77 -3.82
CA GLU E 15 6.14 -1.77 -5.11
C GLU E 15 6.91 -0.92 -6.10
N ILE E 16 6.84 -1.27 -7.36
CA ILE E 16 7.48 -0.56 -8.45
C ILE E 16 6.44 -0.34 -9.56
N VAL E 17 6.21 0.91 -9.96
CA VAL E 17 5.28 1.18 -11.06
C VAL E 17 6.11 1.83 -12.16
N LYS E 18 6.17 1.23 -13.34
CA LYS E 18 7.00 1.76 -14.42
C LYS E 18 6.20 2.53 -15.47
N GLY E 19 6.63 3.75 -15.76
CA GLY E 19 6.00 4.57 -16.80
C GLY E 19 6.94 4.54 -18.02
N THR E 20 6.75 5.43 -18.97
CA THR E 20 7.60 5.50 -20.15
C THR E 20 9.00 6.02 -19.84
N VAL E 21 9.05 6.96 -18.90
CA VAL E 21 10.31 7.59 -18.52
C VAL E 21 10.62 7.44 -17.04
N MET E 22 9.63 7.67 -16.18
CA MET E 22 9.80 7.60 -14.75
C MET E 22 9.21 6.33 -14.14
N ALA E 23 9.70 6.01 -12.96
CA ALA E 23 9.23 4.89 -12.16
C ALA E 23 8.94 5.33 -10.72
N LYS E 24 7.86 4.83 -10.16
CA LYS E 24 7.55 5.07 -8.76
C LYS E 24 8.08 3.90 -7.94
N ILE E 25 8.93 4.16 -6.97
CA ILE E 25 9.47 3.15 -6.08
C ILE E 25 8.86 3.38 -4.70
N VAL E 26 7.96 2.50 -4.29
CA VAL E 26 7.30 2.60 -3.00
C VAL E 26 8.13 1.77 -2.02
N MET E 27 8.49 2.32 -0.88
CA MET E 27 9.32 1.59 0.06
C MET E 27 8.77 1.64 1.47
N ASP E 28 9.24 0.71 2.30
CA ASP E 28 8.90 0.70 3.71
C ASP E 28 10.17 1.05 4.50
N TYR E 29 10.02 2.01 5.41
CA TYR E 29 11.14 2.40 6.25
C TYR E 29 10.67 2.38 7.71
N LYS E 30 10.98 1.29 8.39
CA LYS E 30 10.57 1.14 9.79
C LYS E 30 9.08 1.43 9.98
N GLY E 31 8.25 0.96 9.06
CA GLY E 31 6.81 1.13 9.17
C GLY E 31 6.27 2.38 8.48
N THR E 32 7.14 3.25 8.00
CA THR E 32 6.69 4.46 7.31
C THR E 32 6.89 4.27 5.79
N GLU E 33 5.85 4.61 5.04
CA GLU E 33 5.93 4.48 3.59
C GLU E 33 6.69 5.65 2.96
N LEU E 34 7.62 5.31 2.07
CA LEU E 34 8.39 6.25 1.29
C LEU E 34 8.02 6.11 -0.19
N VAL E 35 8.15 7.18 -0.96
CA VAL E 35 7.88 7.16 -2.39
C VAL E 35 8.98 7.94 -3.11
N ALA E 36 9.72 7.26 -3.98
CA ALA E 36 10.75 7.93 -4.77
C ALA E 36 10.35 7.88 -6.24
N ALA E 37 10.62 8.92 -7.00
CA ALA E 37 10.36 8.96 -8.43
C ALA E 37 11.71 9.04 -9.13
N ILE E 38 12.11 7.95 -9.79
CA ILE E 38 13.41 7.85 -10.44
C ILE E 38 13.20 7.43 -11.89
N THR E 39 14.26 7.35 -12.69
CA THR E 39 14.03 6.96 -14.10
C THR E 39 13.87 5.45 -14.23
N ILE E 40 13.15 5.04 -15.29
CA ILE E 40 12.99 3.59 -15.48
C ILE E 40 14.34 2.94 -15.72
N ASP E 41 15.25 3.67 -16.36
CA ASP E 41 16.61 3.18 -16.63
C ASP E 41 17.26 2.74 -15.32
N SER E 42 17.03 3.50 -14.25
CA SER E 42 17.61 3.17 -12.95
C SER E 42 17.02 1.88 -12.39
N VAL E 43 15.73 1.64 -12.60
CA VAL E 43 15.12 0.41 -12.11
C VAL E 43 15.86 -0.77 -12.74
N ALA E 44 16.09 -0.66 -14.04
CA ALA E 44 16.78 -1.74 -14.76
C ALA E 44 18.24 -1.86 -14.35
N ASP E 45 18.92 -0.74 -14.21
CA ASP E 45 20.34 -0.77 -13.84
C ASP E 45 20.54 -1.39 -12.48
N LEU E 46 19.73 -0.99 -11.49
CA LEU E 46 19.83 -1.54 -10.15
C LEU E 46 19.12 -2.90 -10.03
N ASP E 47 18.34 -3.25 -11.05
CA ASP E 47 17.55 -4.46 -11.06
C ASP E 47 16.71 -4.55 -9.79
N LEU E 48 15.97 -3.48 -9.51
CA LEU E 48 15.12 -3.43 -8.33
C LEU E 48 13.93 -4.39 -8.47
N VAL E 49 13.69 -5.12 -7.39
CA VAL E 49 12.59 -6.06 -7.27
C VAL E 49 11.92 -5.88 -5.92
N PRO E 50 10.60 -5.94 -5.83
CA PRO E 50 9.91 -5.83 -4.54
C PRO E 50 10.51 -6.78 -3.54
N GLY E 51 10.79 -6.37 -2.31
CA GLY E 51 11.42 -7.21 -1.31
C GLY E 51 12.90 -6.85 -1.10
N ASP E 52 13.50 -6.27 -2.13
CA ASP E 52 14.90 -5.87 -2.06
C ASP E 52 15.17 -4.85 -0.95
N LYS E 53 16.32 -5.00 -0.33
CA LYS E 53 16.80 -4.07 0.68
C LYS E 53 17.59 -3.00 -0.08
N VAL E 54 17.23 -1.75 0.14
CA VAL E 54 17.83 -0.62 -0.56
C VAL E 54 18.08 0.52 0.42
N THR E 55 18.80 1.52 -0.08
CA THR E 55 19.03 2.73 0.71
C THR E 55 18.40 3.92 -0.03
N ALA E 56 17.44 4.54 0.64
CA ALA E 56 16.84 5.75 0.05
C ALA E 56 17.80 6.90 0.42
N LEU E 57 18.11 7.75 -0.54
CA LEU E 57 19.10 8.80 -0.33
C LEU E 57 18.56 10.19 -0.61
N VAL E 58 18.75 11.09 0.36
CA VAL E 58 18.27 12.47 0.17
C VAL E 58 19.35 13.48 0.57
N LYS E 59 19.58 14.43 -0.32
CA LYS E 59 20.56 15.50 -0.07
C LYS E 59 20.03 16.40 1.04
N ALA E 60 20.90 16.86 1.94
CA ALA E 60 20.44 17.69 3.05
C ALA E 60 19.67 18.92 2.59
N THR E 61 20.13 19.53 1.50
CA THR E 61 19.50 20.73 0.96
C THR E 61 18.15 20.48 0.32
N GLU E 62 17.74 19.22 0.16
CA GLU E 62 16.45 18.90 -0.43
C GLU E 62 15.46 18.40 0.61
N MET E 63 15.77 18.61 1.88
CA MET E 63 14.87 18.19 2.95
C MET E 63 14.28 19.40 3.67
N GLU E 64 12.96 19.53 3.64
CA GLU E 64 12.30 20.62 4.36
C GLU E 64 11.90 20.17 5.74
N VAL E 65 11.57 21.14 6.59
CA VAL E 65 11.11 20.86 7.95
C VAL E 65 9.73 21.49 8.15
N LEU E 66 8.80 20.72 8.68
CA LEU E 66 7.46 21.23 8.98
C LEU E 66 7.22 21.15 10.48
N LYS E 67 6.52 22.13 11.02
CA LYS E 67 6.22 22.14 12.46
C LYS E 67 4.86 22.76 12.73
N MET F 1 -3.55 21.82 5.44
CA MET F 1 -3.47 21.58 3.98
C MET F 1 -2.74 20.26 3.69
N LYS F 2 -3.15 19.56 2.65
CA LYS F 2 -2.40 18.36 2.24
C LYS F 2 -1.21 18.87 1.41
N ILE F 3 -0.13 18.12 1.41
CA ILE F 3 1.11 18.47 0.72
C ILE F 3 1.47 17.43 -0.32
N SER F 4 1.78 17.82 -1.55
CA SER F 4 2.15 16.84 -2.56
C SER F 4 3.45 16.13 -2.16
N GLY F 5 4.41 16.81 -1.52
CA GLY F 5 5.64 16.13 -1.11
C GLY F 5 5.29 14.80 -0.43
N ARG F 6 5.66 13.69 -1.08
CA ARG F 6 5.23 12.40 -0.57
C ARG F 6 5.88 11.87 0.68
N ASN F 7 7.14 12.20 0.96
CA ASN F 7 7.81 11.63 2.12
C ASN F 7 7.71 12.48 3.37
N LYS F 8 7.01 11.98 4.36
CA LYS F 8 6.85 12.63 5.65
C LYS F 8 7.50 11.76 6.72
N LEU F 9 8.48 12.30 7.45
CA LEU F 9 9.18 11.56 8.48
C LEU F 9 8.99 12.27 9.82
N GLU F 10 8.28 11.62 10.72
CA GLU F 10 8.03 12.24 12.04
C GLU F 10 9.28 12.09 12.89
N ALA F 11 10.00 13.20 13.07
CA ALA F 11 11.26 13.17 13.81
C ALA F 11 11.34 14.19 14.94
N THR F 12 12.47 14.18 15.64
CA THR F 12 12.71 15.09 16.75
C THR F 12 14.00 15.87 16.50
N VAL F 13 13.98 17.18 16.68
CA VAL F 13 15.18 17.98 16.50
C VAL F 13 16.19 17.68 17.62
N LYS F 14 17.43 17.38 17.26
CA LYS F 14 18.48 17.14 18.24
C LYS F 14 19.41 18.35 18.39
N GLU F 15 19.72 19.00 17.29
CA GLU F 15 20.67 20.09 17.26
C GLU F 15 20.43 21.02 16.07
N ILE F 16 20.71 22.30 16.27
CA ILE F 16 20.58 23.32 15.23
C ILE F 16 21.85 24.17 15.19
N VAL F 17 22.43 24.33 14.02
CA VAL F 17 23.62 25.15 13.84
C VAL F 17 23.26 26.25 12.84
N LYS F 18 23.31 27.50 13.28
CA LYS F 18 22.95 28.62 12.43
C LYS F 18 24.14 29.28 11.76
N GLY F 19 24.07 29.42 10.44
CA GLY F 19 25.11 30.10 9.67
C GLY F 19 24.58 31.49 9.31
N THR F 20 25.21 32.16 8.36
CA THR F 20 24.76 33.49 7.95
C THR F 20 23.48 33.42 7.14
N VAL F 21 23.36 32.37 6.34
CA VAL F 21 22.22 32.19 5.46
C VAL F 21 21.51 30.86 5.72
N MET F 22 22.28 29.79 5.81
CA MET F 22 21.69 28.47 6.01
C MET F 22 21.82 28.00 7.46
N ALA F 23 21.03 26.99 7.81
CA ALA F 23 21.06 26.35 9.11
C ALA F 23 21.06 24.83 8.94
N LYS F 24 21.83 24.17 9.79
CA LYS F 24 21.85 22.72 9.81
C LYS F 24 20.87 22.25 10.89
N ILE F 25 19.92 21.41 10.52
CA ILE F 25 18.93 20.87 11.43
C ILE F 25 19.22 19.38 11.57
N VAL F 26 19.70 18.95 12.74
CA VAL F 26 20.00 17.55 12.98
C VAL F 26 18.81 16.93 13.71
N MET F 27 18.24 15.87 13.14
CA MET F 27 17.06 15.24 13.71
C MET F 27 17.26 13.74 13.94
N ASP F 28 16.43 13.20 14.82
CA ASP F 28 16.42 11.76 15.08
C ASP F 28 15.12 11.19 14.51
N TYR F 29 15.27 10.14 13.71
CA TYR F 29 14.10 9.49 13.13
C TYR F 29 14.17 7.99 13.43
N LYS F 30 13.45 7.61 14.47
CA LYS F 30 13.41 6.21 14.90
C LYS F 30 14.80 5.62 14.98
N GLY F 31 15.72 6.39 15.56
CA GLY F 31 17.09 5.98 15.76
C GLY F 31 18.07 6.34 14.65
N THR F 32 17.58 6.78 13.50
CA THR F 32 18.47 7.16 12.40
C THR F 32 18.62 8.68 12.39
N GLU F 33 19.85 9.16 12.22
CA GLU F 33 20.04 10.62 12.19
C GLU F 33 19.73 11.20 10.81
N LEU F 34 18.97 12.29 10.80
CA LEU F 34 18.64 13.02 9.59
C LEU F 34 19.34 14.39 9.63
N VAL F 35 19.65 14.97 8.47
CA VAL F 35 20.26 16.29 8.41
C VAL F 35 19.60 17.09 7.28
N ALA F 36 18.99 18.20 7.67
CA ALA F 36 18.33 19.09 6.71
C ALA F 36 19.10 20.41 6.72
N ALA F 37 19.21 21.03 5.56
CA ALA F 37 19.84 22.34 5.43
C ALA F 37 18.76 23.27 4.88
N ILE F 38 18.29 24.17 5.75
CA ILE F 38 17.23 25.11 5.43
C ILE F 38 17.69 26.53 5.75
N THR F 39 16.93 27.57 5.42
CA THR F 39 17.39 28.93 5.69
C THR F 39 17.22 29.28 7.18
N ILE F 40 18.06 30.22 7.64
CA ILE F 40 17.92 30.64 9.04
C ILE F 40 16.56 31.33 9.22
N ASP F 41 16.02 31.88 8.14
CA ASP F 41 14.72 32.52 8.14
C ASP F 41 13.65 31.53 8.61
N SER F 42 13.73 30.30 8.12
CA SER F 42 12.81 29.25 8.49
C SER F 42 12.95 28.80 9.94
N VAL F 43 14.20 28.77 10.42
CA VAL F 43 14.42 28.40 11.83
C VAL F 43 13.68 29.40 12.72
N ALA F 44 13.77 30.67 12.35
CA ALA F 44 13.11 31.74 13.10
C ALA F 44 11.59 31.66 12.95
N ASP F 45 11.11 31.50 11.73
CA ASP F 45 9.67 31.44 11.48
C ASP F 45 9.00 30.30 12.22
N LEU F 46 9.62 29.13 12.18
CA LEU F 46 9.10 27.93 12.84
C LEU F 46 9.48 27.87 14.31
N ASP F 47 10.35 28.78 14.73
CA ASP F 47 10.84 28.78 16.11
C ASP F 47 11.37 27.40 16.49
N LEU F 48 12.21 26.87 15.60
CA LEU F 48 12.79 25.55 15.80
C LEU F 48 13.82 25.52 16.93
N VAL F 49 13.68 24.54 17.80
CA VAL F 49 14.63 24.34 18.90
C VAL F 49 14.80 22.85 19.17
N PRO F 50 15.92 22.48 19.77
CA PRO F 50 16.16 21.07 20.11
C PRO F 50 15.03 20.54 20.96
N GLY F 51 14.55 19.35 20.65
CA GLY F 51 13.46 18.72 21.37
C GLY F 51 12.13 18.83 20.62
N ASP F 52 12.06 19.74 19.65
CA ASP F 52 10.83 19.91 18.89
C ASP F 52 10.48 18.66 18.08
N LYS F 53 9.20 18.31 18.11
CA LYS F 53 8.70 17.22 17.26
C LYS F 53 8.36 17.91 15.93
N VAL F 54 8.92 17.38 14.85
CA VAL F 54 8.73 17.98 13.54
C VAL F 54 8.50 16.91 12.48
N THR F 55 8.18 17.39 11.28
CA THR F 55 8.02 16.46 10.17
C THR F 55 9.05 16.81 9.11
N ALA F 56 9.98 15.90 8.84
CA ALA F 56 10.93 16.12 7.75
C ALA F 56 10.19 15.82 6.45
N LEU F 57 10.31 16.68 5.45
CA LEU F 57 9.56 16.49 4.21
C LEU F 57 10.44 16.41 2.99
N VAL F 58 10.22 15.41 2.14
CA VAL F 58 11.04 15.25 0.95
C VAL F 58 10.17 14.94 -0.27
N LYS F 59 10.36 15.71 -1.33
CA LYS F 59 9.62 15.52 -2.56
C LYS F 59 10.06 14.20 -3.21
N ALA F 60 9.11 13.46 -3.77
CA ALA F 60 9.43 12.16 -4.37
C ALA F 60 10.53 12.24 -5.43
N THR F 61 10.49 13.29 -6.23
CA THR F 61 11.47 13.46 -7.31
C THR F 61 12.86 13.80 -6.79
N GLU F 62 12.99 14.06 -5.50
CA GLU F 62 14.30 14.40 -4.94
C GLU F 62 14.88 13.26 -4.11
N MET F 63 14.29 12.08 -4.19
CA MET F 63 14.78 10.92 -3.44
C MET F 63 15.40 9.91 -4.37
N GLU F 64 16.67 9.58 -4.16
CA GLU F 64 17.34 8.55 -4.96
C GLU F 64 17.25 7.21 -4.23
N VAL F 65 17.52 6.16 -5.00
CA VAL F 65 17.53 4.80 -4.46
C VAL F 65 18.90 4.19 -4.78
N LEU F 66 19.51 3.58 -3.77
CA LEU F 66 20.80 2.93 -3.93
C LEU F 66 20.66 1.42 -3.66
N LYS F 67 21.36 0.59 -4.44
CA LYS F 67 21.36 -0.84 -4.21
C LYS F 67 22.69 -1.40 -4.75
N MET G 1 -28.14 -38.68 7.93
CA MET G 1 -28.61 -37.40 8.52
C MET G 1 -28.84 -36.32 7.45
N LYS G 2 -29.82 -35.47 7.70
CA LYS G 2 -30.05 -34.31 6.83
C LYS G 2 -29.00 -33.26 7.21
N ILE G 3 -28.58 -32.47 6.23
CA ILE G 3 -27.53 -31.47 6.45
C ILE G 3 -28.00 -30.06 6.13
N SER G 4 -27.79 -29.11 7.03
CA SER G 4 -28.23 -27.74 6.78
C SER G 4 -27.54 -27.15 5.56
N GLY G 5 -26.24 -27.38 5.38
CA GLY G 5 -25.53 -26.84 4.21
C GLY G 5 -26.38 -27.07 2.98
N ARG G 6 -26.85 -26.00 2.34
CA ARG G 6 -27.82 -26.15 1.26
C ARG G 6 -27.29 -26.60 -0.07
N ASN G 7 -26.02 -26.35 -0.38
CA ASN G 7 -25.54 -26.69 -1.72
C ASN G 7 -24.85 -28.06 -1.76
N LYS G 8 -25.50 -28.97 -2.49
CA LYS G 8 -24.98 -30.33 -2.66
C LYS G 8 -24.72 -30.54 -4.16
N LEU G 9 -23.47 -30.80 -4.52
CA LEU G 9 -23.13 -31.02 -5.93
C LEU G 9 -22.59 -32.44 -6.11
N GLU G 10 -23.35 -33.24 -6.86
CA GLU G 10 -22.92 -34.63 -7.11
C GLU G 10 -21.81 -34.60 -8.15
N ALA G 11 -20.59 -34.91 -7.70
CA ALA G 11 -19.40 -34.82 -8.52
C ALA G 11 -18.54 -36.08 -8.48
N THR G 12 -17.50 -36.07 -9.30
CA THR G 12 -16.54 -37.17 -9.37
C THR G 12 -15.13 -36.68 -9.09
N VAL G 13 -14.41 -37.37 -8.22
CA VAL G 13 -13.05 -37.01 -7.89
C VAL G 13 -12.13 -37.30 -9.08
N LYS G 14 -11.32 -36.31 -9.47
CA LYS G 14 -10.39 -36.49 -10.58
C LYS G 14 -8.95 -36.63 -10.09
N GLU G 15 -8.60 -35.84 -9.08
CA GLU G 15 -7.22 -35.81 -8.60
C GLU G 15 -7.16 -35.42 -7.13
N ILE G 16 -6.18 -35.97 -6.43
CA ILE G 16 -5.95 -35.66 -5.03
C ILE G 16 -4.48 -35.36 -4.83
N VAL G 17 -4.21 -34.23 -4.20
CA VAL G 17 -2.84 -33.82 -3.88
C VAL G 17 -2.75 -33.64 -2.37
N LYS G 18 -1.93 -34.46 -1.72
CA LYS G 18 -1.81 -34.42 -0.27
C LYS G 18 -0.61 -33.58 0.20
N GLY G 19 -0.89 -32.64 1.10
CA GLY G 19 0.16 -31.82 1.71
C GLY G 19 0.41 -32.39 3.11
N THR G 20 1.09 -31.61 3.96
CA THR G 20 1.35 -32.08 5.32
C THR G 20 0.11 -31.99 6.19
N VAL G 21 -0.74 -31.02 5.91
CA VAL G 21 -1.95 -30.80 6.69
C VAL G 21 -3.21 -30.80 5.83
N MET G 22 -3.14 -30.12 4.70
CA MET G 22 -4.27 -30.02 3.79
C MET G 22 -4.10 -30.88 2.55
N ALA G 23 -5.22 -31.09 1.89
CA ALA G 23 -5.29 -31.86 0.65
C ALA G 23 -6.15 -31.12 -0.37
N LYS G 24 -5.73 -31.12 -1.62
CA LYS G 24 -6.52 -30.54 -2.70
C LYS G 24 -7.33 -31.67 -3.34
N ILE G 25 -8.64 -31.51 -3.40
CA ILE G 25 -9.51 -32.50 -4.02
C ILE G 25 -10.06 -31.87 -5.30
N VAL G 26 -9.62 -32.36 -6.47
CA VAL G 26 -10.10 -31.84 -7.75
C VAL G 26 -11.26 -32.71 -8.23
N MET G 27 -12.38 -32.10 -8.55
CA MET G 27 -13.57 -32.83 -8.95
C MET G 27 -14.17 -32.30 -10.24
N ASP G 28 -15.02 -33.11 -10.85
CA ASP G 28 -15.78 -32.74 -12.03
C ASP G 28 -17.27 -32.72 -11.66
N TYR G 29 -17.93 -31.61 -11.95
CA TYR G 29 -19.36 -31.49 -11.75
C TYR G 29 -19.96 -31.14 -13.12
N LYS G 30 -20.54 -32.13 -13.77
CA LYS G 30 -21.15 -31.95 -15.08
C LYS G 30 -20.31 -31.11 -16.03
N GLY G 31 -19.01 -31.37 -16.10
CA GLY G 31 -18.13 -30.66 -17.01
C GLY G 31 -17.39 -29.49 -16.41
N THR G 32 -17.75 -29.05 -15.22
CA THR G 32 -17.08 -27.94 -14.55
C THR G 32 -16.12 -28.45 -13.48
N GLU G 33 -14.91 -27.91 -13.45
CA GLU G 33 -13.95 -28.35 -12.44
C GLU G 33 -14.19 -27.66 -11.10
N LEU G 34 -14.19 -28.44 -10.03
CA LEU G 34 -14.34 -27.95 -8.68
C LEU G 34 -13.04 -28.25 -7.93
N VAL G 35 -12.70 -27.43 -6.96
CA VAL G 35 -11.51 -27.61 -6.14
C VAL G 35 -11.88 -27.39 -4.68
N ALA G 36 -11.65 -28.41 -3.86
CA ALA G 36 -11.91 -28.30 -2.42
C ALA G 36 -10.60 -28.51 -1.67
N ALA G 37 -10.39 -27.76 -0.60
CA ALA G 37 -9.21 -27.88 0.26
C ALA G 37 -9.68 -28.37 1.62
N ILE G 38 -9.36 -29.63 1.93
CA ILE G 38 -9.79 -30.24 3.18
C ILE G 38 -8.58 -30.82 3.92
N THR G 39 -8.75 -31.37 5.11
CA THR G 39 -7.59 -31.92 5.82
C THR G 39 -7.21 -33.30 5.27
N ILE G 40 -5.92 -33.63 5.39
CA ILE G 40 -5.53 -34.97 4.92
C ILE G 40 -6.24 -36.04 5.76
N ASP G 41 -6.58 -35.70 6.99
CA ASP G 41 -7.29 -36.60 7.88
C ASP G 41 -8.60 -37.06 7.23
N SER G 42 -9.25 -36.11 6.57
CA SER G 42 -10.52 -36.39 5.90
C SER G 42 -10.33 -37.30 4.70
N VAL G 43 -9.23 -37.13 3.98
CA VAL G 43 -8.95 -37.97 2.81
C VAL G 43 -8.87 -39.42 3.28
N ALA G 44 -8.18 -39.62 4.40
CA ALA G 44 -8.03 -40.97 4.94
C ALA G 44 -9.35 -41.49 5.48
N ASP G 45 -10.04 -40.69 6.28
CA ASP G 45 -11.31 -41.10 6.87
C ASP G 45 -12.34 -41.47 5.81
N LEU G 46 -12.48 -40.62 4.79
CA LEU G 46 -13.44 -40.86 3.72
C LEU G 46 -12.89 -41.81 2.67
N ASP G 47 -11.61 -42.14 2.79
CA ASP G 47 -10.97 -43.06 1.83
C ASP G 47 -11.14 -42.60 0.40
N LEU G 48 -10.88 -41.31 0.16
CA LEU G 48 -11.04 -40.69 -1.13
C LEU G 48 -9.97 -41.10 -2.15
N VAL G 49 -10.44 -41.36 -3.36
CA VAL G 49 -9.58 -41.72 -4.47
C VAL G 49 -10.20 -41.26 -5.79
N PRO G 50 -9.38 -41.00 -6.79
CA PRO G 50 -9.86 -40.61 -8.10
C PRO G 50 -10.86 -41.62 -8.65
N GLY G 51 -11.99 -41.13 -9.15
CA GLY G 51 -13.04 -41.97 -9.70
C GLY G 51 -14.24 -42.02 -8.76
N ASP G 52 -14.00 -41.71 -7.49
CA ASP G 52 -15.03 -41.73 -6.47
C ASP G 52 -16.18 -40.77 -6.79
N LYS G 53 -17.40 -41.24 -6.54
CA LYS G 53 -18.58 -40.41 -6.67
C LYS G 53 -18.81 -39.81 -5.27
N VAL G 54 -18.82 -38.48 -5.21
CA VAL G 54 -18.94 -37.77 -3.95
C VAL G 54 -19.92 -36.60 -4.10
N THR G 55 -20.20 -35.97 -2.96
CA THR G 55 -21.04 -34.78 -2.95
C THR G 55 -20.19 -33.63 -2.37
N ALA G 56 -20.00 -32.61 -3.20
CA ALA G 56 -19.32 -31.39 -2.75
C ALA G 56 -20.37 -30.61 -1.97
N LEU G 57 -20.03 -30.11 -0.80
CA LEU G 57 -21.01 -29.43 0.06
C LEU G 57 -20.56 -28.01 0.41
N VAL G 58 -21.50 -27.08 0.19
CA VAL G 58 -21.19 -25.68 0.53
C VAL G 58 -22.32 -25.05 1.30
N LYS G 59 -22.00 -24.38 2.40
CA LYS G 59 -22.99 -23.67 3.23
C LYS G 59 -23.48 -22.44 2.48
N ALA G 60 -24.78 -22.17 2.51
CA ALA G 60 -25.32 -21.01 1.76
C ALA G 60 -24.65 -19.71 2.15
N THR G 61 -24.33 -19.53 3.44
CA THR G 61 -23.70 -18.28 3.85
C THR G 61 -22.27 -18.14 3.34
N GLU G 62 -21.71 -19.17 2.73
CA GLU G 62 -20.34 -19.11 2.24
C GLU G 62 -20.27 -19.16 0.74
N MET G 63 -21.38 -18.78 0.09
CA MET G 63 -21.43 -18.75 -1.36
C MET G 63 -21.65 -17.31 -1.82
N GLU G 64 -20.70 -16.74 -2.56
CA GLU G 64 -20.86 -15.39 -3.09
C GLU G 64 -21.57 -15.48 -4.43
N VAL G 65 -22.05 -14.32 -4.90
CA VAL G 65 -22.67 -14.22 -6.21
C VAL G 65 -21.96 -13.12 -6.99
N LEU G 66 -21.57 -13.40 -8.23
CA LEU G 66 -20.91 -12.42 -9.08
C LEU G 66 -21.76 -12.16 -10.33
N LYS G 67 -21.70 -10.94 -10.85
CA LYS G 67 -22.40 -10.56 -12.07
C LYS G 67 -21.75 -9.28 -12.60
N MET H 1 -9.69 -9.47 -14.89
CA MET H 1 -9.50 -9.71 -13.43
C MET H 1 -9.64 -11.20 -13.13
N LYS H 2 -8.79 -11.70 -12.23
CA LYS H 2 -8.86 -13.09 -11.80
C LYS H 2 -9.12 -13.15 -10.31
N ILE H 3 -9.80 -14.21 -9.85
CA ILE H 3 -10.20 -14.39 -8.48
C ILE H 3 -9.63 -15.68 -7.90
N SER H 4 -9.07 -15.66 -6.70
CA SER H 4 -8.50 -16.89 -6.15
C SER H 4 -9.55 -17.94 -5.84
N GLY H 5 -10.74 -17.51 -5.44
CA GLY H 5 -11.81 -18.48 -5.12
C GLY H 5 -11.91 -19.42 -6.32
N ARG H 6 -11.65 -20.71 -6.08
CA ARG H 6 -11.54 -21.64 -7.20
C ARG H 6 -12.83 -22.12 -7.83
N ASN H 7 -13.93 -22.12 -7.11
CA ASN H 7 -15.17 -22.66 -7.66
C ASN H 7 -16.08 -21.60 -8.26
N LYS H 8 -16.19 -21.62 -9.58
CA LYS H 8 -17.07 -20.73 -10.32
C LYS H 8 -18.19 -21.57 -10.92
N LEU H 9 -19.43 -21.26 -10.54
CA LEU H 9 -20.57 -22.00 -11.07
C LEU H 9 -21.42 -21.05 -11.91
N GLU H 10 -21.45 -21.25 -13.23
CA GLU H 10 -22.26 -20.37 -14.09
C GLU H 10 -23.73 -20.77 -13.93
N ALA H 11 -24.49 -19.96 -13.21
CA ALA H 11 -25.88 -20.28 -12.89
C ALA H 11 -26.89 -19.24 -13.34
N THR H 12 -28.16 -19.53 -13.05
CA THR H 12 -29.25 -18.61 -13.37
C THR H 12 -30.08 -18.29 -12.13
N VAL H 13 -30.41 -17.02 -11.89
CA VAL H 13 -31.20 -16.64 -10.73
C VAL H 13 -32.65 -17.08 -10.93
N LYS H 14 -33.19 -17.79 -9.95
CA LYS H 14 -34.57 -18.24 -9.99
C LYS H 14 -35.47 -17.40 -9.08
N GLU H 15 -34.98 -17.10 -7.89
CA GLU H 15 -35.76 -16.37 -6.90
C GLU H 15 -34.83 -15.57 -5.99
N ILE H 16 -35.34 -14.44 -5.54
CA ILE H 16 -34.66 -13.55 -4.61
C ILE H 16 -35.61 -13.23 -3.46
N VAL H 17 -35.20 -13.57 -2.24
CA VAL H 17 -36.01 -13.27 -1.06
C VAL H 17 -35.20 -12.31 -0.20
N LYS H 18 -35.72 -11.11 0.06
CA LYS H 18 -35.00 -10.11 0.83
C LYS H 18 -35.51 -9.91 2.24
N GLY H 19 -34.58 -9.93 3.19
CA GLY H 19 -34.93 -9.68 4.59
C GLY H 19 -34.40 -8.29 4.94
N THR H 20 -34.27 -8.04 6.24
CA THR H 20 -33.77 -6.77 6.73
C THR H 20 -32.27 -6.62 6.51
N VAL H 21 -31.54 -7.72 6.61
CA VAL H 21 -30.08 -7.67 6.44
C VAL H 21 -29.60 -8.59 5.33
N MET H 22 -30.11 -9.83 5.33
CA MET H 22 -29.70 -10.82 4.35
C MET H 22 -30.72 -11.07 3.26
N ALA H 23 -30.25 -11.63 2.15
CA ALA H 23 -31.10 -12.01 1.04
C ALA H 23 -30.78 -13.46 0.65
N LYS H 24 -31.82 -14.21 0.30
CA LYS H 24 -31.65 -15.56 -0.21
C LYS H 24 -31.66 -15.49 -1.74
N ILE H 25 -30.62 -15.99 -2.38
CA ILE H 25 -30.56 -16.05 -3.83
C ILE H 25 -30.69 -17.52 -4.23
N VAL H 26 -31.81 -17.89 -4.83
CA VAL H 26 -32.01 -19.26 -5.29
C VAL H 26 -31.60 -19.34 -6.75
N MET H 27 -30.72 -20.26 -7.10
CA MET H 27 -30.22 -20.38 -8.47
C MET H 27 -30.32 -21.78 -9.05
N ASP H 28 -30.32 -21.85 -10.37
CA ASP H 28 -30.27 -23.12 -11.09
C ASP H 28 -28.87 -23.27 -11.69
N TYR H 29 -28.29 -24.43 -11.49
CA TYR H 29 -26.96 -24.74 -12.00
C TYR H 29 -27.01 -26.10 -12.69
N LYS H 30 -27.28 -26.06 -13.99
CA LYS H 30 -27.40 -27.26 -14.81
C LYS H 30 -28.38 -28.26 -14.22
N GLY H 31 -29.52 -27.77 -13.73
CA GLY H 31 -30.56 -28.61 -13.18
C GLY H 31 -30.48 -28.80 -11.67
N THR H 32 -29.39 -28.36 -11.05
CA THR H 32 -29.26 -28.48 -9.60
C THR H 32 -29.52 -27.12 -8.94
N GLU H 33 -30.30 -27.12 -7.87
CA GLU H 33 -30.60 -25.88 -7.19
C GLU H 33 -29.50 -25.46 -6.22
N LEU H 34 -29.12 -24.19 -6.31
CA LEU H 34 -28.13 -23.63 -5.41
C LEU H 34 -28.83 -22.55 -4.57
N VAL H 35 -28.30 -22.33 -3.37
CA VAL H 35 -28.82 -21.31 -2.48
C VAL H 35 -27.67 -20.51 -1.87
N ALA H 36 -27.65 -19.20 -2.12
CA ALA H 36 -26.64 -18.34 -1.50
C ALA H 36 -27.32 -17.35 -0.56
N ALA H 37 -26.67 -17.01 0.55
CA ALA H 37 -27.19 -16.02 1.50
C ALA H 37 -26.18 -14.87 1.50
N ILE H 38 -26.56 -13.72 0.96
CA ILE H 38 -25.68 -12.55 0.85
C ILE H 38 -26.38 -11.34 1.47
N THR H 39 -25.72 -10.18 1.57
CA THR H 39 -26.38 -9.02 2.16
C THR H 39 -27.32 -8.37 1.14
N ILE H 40 -28.38 -7.74 1.64
CA ILE H 40 -29.33 -7.13 0.72
C ILE H 40 -28.67 -6.03 -0.12
N ASP H 41 -27.65 -5.36 0.42
CA ASP H 41 -27.04 -4.29 -0.40
C ASP H 41 -26.34 -4.89 -1.61
N SER H 42 -25.87 -6.14 -1.52
CA SER H 42 -25.25 -6.77 -2.69
C SER H 42 -26.28 -7.02 -3.78
N VAL H 43 -27.51 -7.32 -3.38
CA VAL H 43 -28.55 -7.56 -4.39
C VAL H 43 -28.75 -6.27 -5.20
N ALA H 44 -28.78 -5.16 -4.46
CA ALA H 44 -28.96 -3.85 -5.08
C ALA H 44 -27.77 -3.49 -5.96
N ASP H 45 -26.56 -3.68 -5.44
CA ASP H 45 -25.33 -3.35 -6.17
C ASP H 45 -25.22 -4.12 -7.48
N LEU H 46 -25.45 -5.44 -7.42
CA LEU H 46 -25.38 -6.27 -8.61
C LEU H 46 -26.64 -6.12 -9.47
N ASP H 47 -27.67 -5.53 -8.89
CA ASP H 47 -28.97 -5.32 -9.52
C ASP H 47 -29.56 -6.64 -10.03
N LEU H 48 -29.56 -7.65 -9.16
CA LEU H 48 -30.07 -8.96 -9.55
C LEU H 48 -31.58 -9.01 -9.70
N VAL H 49 -31.99 -9.73 -10.75
CA VAL H 49 -33.40 -9.99 -11.01
C VAL H 49 -33.53 -11.44 -11.48
N PRO H 50 -34.68 -12.06 -11.26
CA PRO H 50 -34.90 -13.41 -11.71
C PRO H 50 -34.61 -13.54 -13.19
N GLY H 51 -33.92 -14.60 -13.58
CA GLY H 51 -33.53 -14.85 -14.96
C GLY H 51 -32.12 -14.41 -15.27
N ASP H 52 -31.51 -13.58 -14.41
CA ASP H 52 -30.15 -13.12 -14.65
C ASP H 52 -29.14 -14.29 -14.62
N LYS H 53 -28.12 -14.17 -15.45
CA LYS H 53 -27.02 -15.12 -15.46
C LYS H 53 -25.98 -14.61 -14.47
N VAL H 54 -25.58 -15.44 -13.52
CA VAL H 54 -24.58 -15.05 -12.53
C VAL H 54 -23.55 -16.15 -12.34
N THR H 55 -22.48 -15.81 -11.65
CA THR H 55 -21.46 -16.80 -11.28
C THR H 55 -21.45 -17.00 -9.76
N ALA H 56 -21.83 -18.20 -9.30
CA ALA H 56 -21.79 -18.51 -7.87
C ALA H 56 -20.31 -18.80 -7.59
N LEU H 57 -19.78 -18.23 -6.51
CA LEU H 57 -18.36 -18.39 -6.22
C LEU H 57 -18.12 -18.95 -4.82
N VAL H 58 -17.28 -19.97 -4.75
CA VAL H 58 -16.94 -20.59 -3.48
C VAL H 58 -15.44 -20.82 -3.35
N LYS H 59 -14.91 -20.37 -2.20
CA LYS H 59 -13.49 -20.54 -1.89
C LYS H 59 -13.21 -22.03 -1.66
N ALA H 60 -12.08 -22.50 -2.19
CA ALA H 60 -11.76 -23.93 -2.04
C ALA H 60 -11.77 -24.39 -0.60
N THR H 61 -11.31 -23.56 0.33
CA THR H 61 -11.27 -23.91 1.75
C THR H 61 -12.63 -23.95 2.41
N GLU H 62 -13.68 -23.52 1.72
CA GLU H 62 -15.02 -23.53 2.29
C GLU H 62 -15.91 -24.59 1.66
N MET H 63 -15.30 -25.49 0.90
CA MET H 63 -16.04 -26.58 0.26
C MET H 63 -15.71 -27.91 0.93
N GLU H 64 -16.72 -28.55 1.48
CA GLU H 64 -16.52 -29.88 2.11
C GLU H 64 -16.81 -30.97 1.08
N VAL H 65 -16.37 -32.19 1.43
CA VAL H 65 -16.64 -33.35 0.58
C VAL H 65 -17.40 -34.38 1.42
N LEU H 66 -18.44 -34.96 0.83
CA LEU H 66 -19.25 -35.98 1.48
C LEU H 66 -19.14 -37.28 0.69
N LYS H 67 -19.08 -38.42 1.37
CA LYS H 67 -18.97 -39.68 0.64
C LYS H 67 -19.57 -40.80 1.49
N MET I 1 -10.72 -8.20 25.19
CA MET I 1 -11.98 -7.64 24.63
C MET I 1 -12.95 -8.72 24.19
N LYS I 2 -14.23 -8.38 24.10
CA LYS I 2 -15.25 -9.33 23.68
C LYS I 2 -15.16 -9.62 22.18
N ILE I 3 -15.60 -10.81 21.79
CA ILE I 3 -15.52 -11.28 20.41
C ILE I 3 -16.88 -11.66 19.87
N SER I 4 -17.23 -11.21 18.65
CA SER I 4 -18.55 -11.52 18.12
C SER I 4 -18.74 -13.01 17.87
N GLY I 5 -17.69 -13.70 17.44
CA GLY I 5 -17.82 -15.15 17.19
C GLY I 5 -18.49 -15.78 18.41
N ARG I 6 -19.68 -16.34 18.22
CA ARG I 6 -20.46 -16.83 19.33
C ARG I 6 -20.01 -18.13 19.98
N ASN I 7 -19.35 -19.01 19.22
CA ASN I 7 -19.00 -20.30 19.80
C ASN I 7 -17.59 -20.35 20.38
N LYS I 8 -17.57 -20.45 21.71
CA LYS I 8 -16.34 -20.54 22.47
C LYS I 8 -16.31 -21.92 23.15
N LEU I 9 -15.30 -22.70 22.79
CA LEU I 9 -15.16 -24.04 23.37
C LEU I 9 -13.86 -24.10 24.19
N GLU I 10 -13.99 -24.23 25.50
CA GLU I 10 -12.80 -24.30 26.36
C GLU I 10 -12.19 -25.69 26.27
N ALA I 11 -11.10 -25.80 25.53
CA ALA I 11 -10.46 -27.09 25.26
C ALA I 11 -8.99 -27.16 25.60
N THR I 12 -8.39 -28.34 25.39
CA THR I 12 -6.98 -28.55 25.66
C THR I 12 -6.28 -29.05 24.40
N VAL I 13 -5.14 -28.46 24.05
CA VAL I 13 -4.38 -28.91 22.89
C VAL I 13 -3.78 -30.28 23.19
N LYS I 14 -3.98 -31.23 22.28
CA LYS I 14 -3.42 -32.56 22.48
C LYS I 14 -2.27 -32.87 21.53
N GLU I 15 -2.34 -32.32 20.32
CA GLU I 15 -1.34 -32.55 19.29
C GLU I 15 -1.31 -31.42 18.27
N ILE I 16 -0.14 -31.16 17.70
CA ILE I 16 0.04 -30.14 16.67
C ILE I 16 0.86 -30.74 15.53
N VAL I 17 0.38 -30.61 14.31
CA VAL I 17 1.10 -31.07 13.12
C VAL I 17 1.39 -29.84 12.26
N LYS I 18 2.66 -29.53 12.05
CA LYS I 18 3.01 -28.34 11.29
C LYS I 18 3.34 -28.60 9.83
N GLY I 19 2.64 -27.94 8.94
CA GLY I 19 2.91 -28.04 7.50
C GLY I 19 3.70 -26.79 7.08
N THR I 20 3.83 -26.56 5.79
CA THR I 20 4.54 -25.40 5.28
C THR I 20 3.79 -24.09 5.54
N VAL I 21 2.46 -24.16 5.40
CA VAL I 21 1.64 -22.97 5.59
C VAL I 21 0.63 -23.14 6.72
N MET I 22 -0.02 -24.29 6.75
CA MET I 22 -1.05 -24.57 7.75
C MET I 22 -0.56 -25.51 8.85
N ALA I 23 -1.24 -25.47 9.96
CA ALA I 23 -1.00 -26.36 11.07
C ALA I 23 -2.32 -27.01 11.51
N LYS I 24 -2.25 -28.29 11.85
CA LYS I 24 -3.41 -29.00 12.38
C LYS I 24 -3.31 -28.93 13.90
N ILE I 25 -4.34 -28.42 14.54
CA ILE I 25 -4.38 -28.33 16.00
C ILE I 25 -5.44 -29.31 16.50
N VAL I 26 -5.03 -30.40 17.12
CA VAL I 26 -5.95 -31.40 17.65
C VAL I 26 -6.22 -31.06 19.11
N MET I 27 -7.50 -30.96 19.47
CA MET I 27 -7.86 -30.59 20.83
C MET I 27 -8.88 -31.55 21.44
N ASP I 28 -8.93 -31.55 22.77
CA ASP I 28 -9.91 -32.33 23.50
C ASP I 28 -10.92 -31.36 24.11
N TYR I 29 -12.19 -31.56 23.80
CA TYR I 29 -13.24 -30.74 24.37
C TYR I 29 -14.22 -31.66 25.09
N LYS I 30 -14.06 -31.76 26.41
CA LYS I 30 -14.90 -32.60 27.25
C LYS I 30 -15.07 -34.00 26.67
N GLY I 31 -13.98 -34.58 26.19
CA GLY I 31 -14.04 -35.94 25.65
C GLY I 31 -14.22 -36.01 24.14
N THR I 32 -14.62 -34.93 23.50
CA THR I 32 -14.78 -34.91 22.05
C THR I 32 -13.56 -34.31 21.39
N GLU I 33 -13.08 -34.93 20.32
CA GLU I 33 -11.93 -34.42 19.59
C GLU I 33 -12.32 -33.30 18.64
N LEU I 34 -11.56 -32.22 18.71
CA LEU I 34 -11.73 -31.08 17.80
C LEU I 34 -10.49 -30.99 16.91
N VAL I 35 -10.65 -30.52 15.69
CA VAL I 35 -9.53 -30.34 14.78
C VAL I 35 -9.63 -28.95 14.14
N ALA I 36 -8.67 -28.09 14.40
CA ALA I 36 -8.65 -26.76 13.78
C ALA I 36 -7.49 -26.68 12.80
N ALA I 37 -7.65 -25.96 11.71
CA ALA I 37 -6.58 -25.77 10.73
C ALA I 37 -6.31 -24.26 10.68
N ILE I 38 -5.18 -23.85 11.24
CA ILE I 38 -4.80 -22.43 11.28
C ILE I 38 -3.43 -22.24 10.67
N THR I 39 -2.93 -21.01 10.57
CA THR I 39 -1.60 -20.83 9.97
C THR I 39 -0.47 -21.19 10.93
N ILE I 40 0.67 -21.58 10.37
CA ILE I 40 1.82 -21.89 11.22
C ILE I 40 2.24 -20.61 11.94
N ASP I 41 1.98 -19.47 11.28
CA ASP I 41 2.28 -18.18 11.88
C ASP I 41 1.58 -18.03 13.21
N SER I 42 0.33 -18.50 13.28
CA SER I 42 -0.42 -18.44 14.53
C SER I 42 0.13 -19.36 15.60
N VAL I 43 0.61 -20.54 15.20
CA VAL I 43 1.18 -21.46 16.20
C VAL I 43 2.33 -20.76 16.91
N ALA I 44 3.14 -20.09 16.12
CA ALA I 44 4.31 -19.37 16.63
C ALA I 44 3.92 -18.21 17.53
N ASP I 45 2.97 -17.39 17.07
CA ASP I 45 2.52 -16.22 17.81
C ASP I 45 1.92 -16.57 19.16
N LEU I 46 1.06 -17.58 19.18
CA LEU I 46 0.42 -18.01 20.41
C LEU I 46 1.32 -18.97 21.20
N ASP I 47 2.41 -19.41 20.58
CA ASP I 47 3.31 -20.37 21.21
C ASP I 47 2.55 -21.59 21.69
N LEU I 48 1.71 -22.14 20.81
CA LEU I 48 0.90 -23.30 21.10
C LEU I 48 1.74 -24.56 21.29
N VAL I 49 1.41 -25.30 22.33
CA VAL I 49 2.07 -26.57 22.62
C VAL I 49 1.04 -27.51 23.25
N PRO I 50 1.26 -28.81 23.12
CA PRO I 50 0.37 -29.78 23.74
C PRO I 50 0.22 -29.48 25.21
N GLY I 51 -1.01 -29.60 25.72
CA GLY I 51 -1.29 -29.35 27.13
C GLY I 51 -1.85 -27.95 27.35
N ASP I 52 -1.71 -27.07 26.36
CA ASP I 52 -2.23 -25.71 26.50
C ASP I 52 -3.76 -25.68 26.57
N LYS I 53 -4.25 -24.92 27.54
CA LYS I 53 -5.69 -24.68 27.69
C LYS I 53 -5.99 -23.52 26.74
N VAL I 54 -6.92 -23.73 25.83
CA VAL I 54 -7.25 -22.72 24.83
C VAL I 54 -8.76 -22.65 24.64
N THR I 55 -9.17 -21.69 23.82
CA THR I 55 -10.58 -21.52 23.47
C THR I 55 -10.72 -21.68 21.96
N ALA I 56 -11.38 -22.74 21.53
CA ALA I 56 -11.65 -22.93 20.10
C ALA I 56 -12.79 -21.95 19.77
N LEU I 57 -12.63 -21.19 18.69
CA LEU I 57 -13.63 -20.19 18.37
C LEU I 57 -14.23 -20.38 16.98
N VAL I 58 -15.57 -20.36 16.93
CA VAL I 58 -16.27 -20.53 15.66
C VAL I 58 -17.38 -19.50 15.48
N LYS I 59 -17.34 -18.80 14.34
CA LYS I 59 -18.39 -17.83 14.04
C LYS I 59 -19.72 -18.54 13.81
N ALA I 60 -20.82 -17.95 14.27
CA ALA I 60 -22.12 -18.58 14.13
C ALA I 60 -22.48 -18.94 12.70
N THR I 61 -22.13 -18.10 11.74
CA THR I 61 -22.45 -18.32 10.34
C THR I 61 -21.65 -19.45 9.70
N GLU I 62 -20.67 -19.96 10.44
CA GLU I 62 -19.82 -21.03 9.92
C GLU I 62 -20.10 -22.36 10.61
N MET I 63 -21.23 -22.47 11.30
CA MET I 63 -21.61 -23.71 11.97
C MET I 63 -22.88 -24.27 11.31
N GLU I 64 -22.78 -25.48 10.78
CA GLU I 64 -23.94 -26.13 10.18
C GLU I 64 -24.64 -27.00 11.23
N VAL I 65 -25.85 -27.42 10.90
CA VAL I 65 -26.63 -28.28 11.77
C VAL I 65 -27.02 -29.53 10.98
N LEU I 66 -26.78 -30.69 11.58
CA LEU I 66 -27.11 -31.97 10.96
C LEU I 66 -28.12 -32.69 11.86
N LYS I 67 -29.06 -33.37 11.23
CA LYS I 67 -30.07 -34.09 12.01
C LYS I 67 -30.39 -35.43 11.34
N MET J 1 -22.39 -43.07 5.45
CA MET J 1 -21.87 -41.81 4.86
C MET J 1 -20.86 -41.15 5.78
N LYS J 2 -19.99 -40.32 5.21
CA LYS J 2 -18.98 -39.62 5.99
C LYS J 2 -18.84 -38.19 5.45
N ILE J 3 -18.47 -37.28 6.33
CA ILE J 3 -18.34 -35.86 5.98
C ILE J 3 -16.94 -35.36 6.35
N SER J 4 -16.35 -34.61 5.42
CA SER J 4 -15.01 -34.08 5.67
C SER J 4 -15.02 -33.11 6.85
N GLY J 5 -16.06 -32.29 7.01
CA GLY J 5 -16.08 -31.38 8.17
C GLY J 5 -15.65 -32.13 9.42
N ARG J 6 -14.51 -31.75 10.01
CA ARG J 6 -13.97 -32.54 11.11
C ARG J 6 -14.63 -32.39 12.46
N ASN J 7 -15.25 -31.26 12.76
CA ASN J 7 -15.81 -31.03 14.08
C ASN J 7 -17.30 -31.35 14.16
N LYS J 8 -17.59 -32.44 14.84
CA LYS J 8 -18.94 -32.91 15.08
C LYS J 8 -19.25 -32.76 16.57
N LEU J 9 -20.27 -31.99 16.90
CA LEU J 9 -20.63 -31.80 18.31
C LEU J 9 -22.07 -32.26 18.52
N GLU J 10 -22.25 -33.36 19.24
CA GLU J 10 -23.59 -33.89 19.50
C GLU J 10 -24.28 -33.00 20.52
N ALA J 11 -25.31 -32.27 20.08
CA ALA J 11 -25.98 -31.31 20.92
C ALA J 11 -27.49 -31.39 20.91
N THR J 12 -28.13 -30.56 21.73
CA THR J 12 -29.58 -30.53 21.78
C THR J 12 -30.09 -29.12 21.45
N VAL J 13 -31.10 -29.04 20.59
CA VAL J 13 -31.65 -27.72 20.25
C VAL J 13 -32.42 -27.14 21.42
N LYS J 14 -32.17 -25.89 21.78
CA LYS J 14 -32.85 -25.20 22.86
C LYS J 14 -33.83 -24.16 22.34
N GLU J 15 -33.44 -23.47 21.28
CA GLU J 15 -34.26 -22.40 20.73
C GLU J 15 -34.03 -22.19 19.24
N ILE J 16 -35.07 -21.75 18.54
CA ILE J 16 -34.98 -21.43 17.13
C ILE J 16 -35.62 -20.07 16.87
N VAL J 17 -34.83 -19.12 16.38
CA VAL J 17 -35.36 -17.81 16.04
C VAL J 17 -35.42 -17.72 14.52
N LYS J 18 -36.61 -17.67 13.95
CA LYS J 18 -36.78 -17.64 12.50
C LYS J 18 -37.00 -16.23 11.98
N GLY J 19 -36.11 -15.81 11.09
CA GLY J 19 -36.27 -14.50 10.44
C GLY J 19 -36.86 -14.75 9.05
N THR J 20 -36.75 -13.77 8.16
CA THR J 20 -37.26 -13.94 6.81
C THR J 20 -36.33 -14.75 5.92
N VAL J 21 -35.03 -14.69 6.21
CA VAL J 21 -34.05 -15.42 5.41
C VAL J 21 -33.21 -16.35 6.29
N MET J 22 -32.76 -15.84 7.42
CA MET J 22 -31.90 -16.60 8.32
C MET J 22 -32.62 -17.11 9.55
N ALA J 23 -32.03 -18.10 10.19
CA ALA J 23 -32.53 -18.65 11.44
C ALA J 23 -31.38 -18.80 12.45
N LYS J 24 -31.64 -18.48 13.70
CA LYS J 24 -30.65 -18.70 14.76
C LYS J 24 -31.01 -20.02 15.45
N ILE J 25 -30.05 -20.94 15.52
CA ILE J 25 -30.28 -22.21 16.19
C ILE J 25 -29.43 -22.21 17.46
N VAL J 26 -30.06 -22.19 18.63
CA VAL J 26 -29.33 -22.16 19.89
C VAL J 26 -29.31 -23.60 20.42
N MET J 27 -28.14 -24.11 20.76
CA MET J 27 -28.05 -25.50 21.22
C MET J 27 -27.25 -25.65 22.51
N ASP J 28 -27.47 -26.77 23.18
CA ASP J 28 -26.71 -27.07 24.38
C ASP J 28 -25.71 -28.19 24.06
N TYR J 29 -24.46 -27.97 24.42
CA TYR J 29 -23.43 -28.99 24.21
C TYR J 29 -22.68 -29.22 25.52
N LYS J 30 -23.09 -30.26 26.23
CA LYS J 30 -22.47 -30.63 27.50
C LYS J 30 -22.38 -29.42 28.43
N GLY J 31 -23.43 -28.60 28.44
CA GLY J 31 -23.50 -27.44 29.31
C GLY J 31 -23.03 -26.15 28.68
N THR J 32 -22.45 -26.20 27.48
CA THR J 32 -21.98 -25.01 26.79
C THR J 32 -22.97 -24.63 25.69
N GLU J 33 -23.31 -23.34 25.62
CA GLU J 33 -24.25 -22.89 24.60
C GLU J 33 -23.55 -22.74 23.26
N LEU J 34 -24.19 -23.26 22.21
CA LEU J 34 -23.69 -23.09 20.85
C LEU J 34 -24.71 -22.25 20.08
N VAL J 35 -24.26 -21.51 19.08
CA VAL J 35 -25.13 -20.71 18.24
C VAL J 35 -24.77 -20.87 16.78
N ALA J 36 -25.72 -21.33 15.97
CA ALA J 36 -25.49 -21.46 14.55
C ALA J 36 -26.46 -20.55 13.80
N ALA J 37 -26.02 -19.94 12.72
CA ALA J 37 -26.85 -19.08 11.88
C ALA J 37 -26.96 -19.79 10.52
N ILE J 38 -28.14 -20.29 10.20
CA ILE J 38 -28.37 -21.06 8.98
C ILE J 38 -29.59 -20.51 8.25
N THR J 39 -29.95 -21.04 7.08
CA THR J 39 -31.14 -20.49 6.41
C THR J 39 -32.42 -21.08 6.98
N ILE J 40 -33.53 -20.35 6.81
CA ILE J 40 -34.81 -20.86 7.29
C ILE J 40 -35.21 -22.09 6.48
N ASP J 41 -34.71 -22.17 5.25
CA ASP J 41 -34.99 -23.30 4.38
C ASP J 41 -34.56 -24.60 5.06
N SER J 42 -33.38 -24.55 5.68
CA SER J 42 -32.82 -25.68 6.41
C SER J 42 -33.67 -26.03 7.63
N VAL J 43 -34.18 -25.02 8.34
CA VAL J 43 -35.02 -25.29 9.52
C VAL J 43 -36.23 -26.12 9.10
N ALA J 44 -36.80 -25.76 7.96
CA ALA J 44 -37.97 -26.44 7.42
C ALA J 44 -37.61 -27.84 6.93
N ASP J 45 -36.52 -27.94 6.19
CA ASP J 45 -36.08 -29.21 5.63
C ASP J 45 -35.75 -30.22 6.72
N LEU J 46 -35.03 -29.80 7.74
CA LEU J 46 -34.66 -30.68 8.84
C LEU J 46 -35.78 -30.81 9.87
N ASP J 47 -36.80 -29.98 9.75
CA ASP J 47 -37.91 -29.93 10.69
C ASP J 47 -37.36 -29.77 12.11
N LEU J 48 -36.47 -28.79 12.27
CA LEU J 48 -35.85 -28.55 13.56
C LEU J 48 -36.85 -28.01 14.57
N VAL J 49 -36.85 -28.59 15.77
CA VAL J 49 -37.69 -28.16 16.87
C VAL J 49 -36.91 -28.30 18.17
N PRO J 50 -37.21 -27.47 19.16
CA PRO J 50 -36.53 -27.53 20.44
C PRO J 50 -36.64 -28.93 21.03
N GLY J 51 -35.54 -29.48 21.52
CA GLY J 51 -35.52 -30.82 22.09
C GLY J 51 -34.82 -31.81 21.16
N ASP J 52 -34.70 -31.44 19.88
CA ASP J 52 -34.07 -32.31 18.91
C ASP J 52 -32.59 -32.55 19.20
N LYS J 53 -32.17 -33.79 19.05
CA LYS J 53 -30.77 -34.16 19.16
C LYS J 53 -30.18 -33.93 17.76
N VAL J 54 -29.14 -33.12 17.68
CA VAL J 54 -28.55 -32.81 16.39
C VAL J 54 -27.03 -32.86 16.51
N THR J 55 -26.37 -32.64 15.37
CA THR J 55 -24.91 -32.57 15.34
C THR J 55 -24.51 -31.21 14.78
N ALA J 56 -23.84 -30.41 15.59
CA ALA J 56 -23.32 -29.13 15.11
C ALA J 56 -22.05 -29.47 14.34
N LEU J 57 -21.90 -28.98 13.13
CA LEU J 57 -20.76 -29.33 12.29
C LEU J 57 -19.92 -28.12 11.92
N VAL J 58 -18.60 -28.21 12.09
CA VAL J 58 -17.71 -27.11 11.74
C VAL J 58 -16.49 -27.63 10.96
N LYS J 59 -16.25 -27.02 9.82
CA LYS J 59 -15.08 -27.36 8.99
C LYS J 59 -13.82 -26.95 9.75
N ALA J 60 -12.77 -27.78 9.66
CA ALA J 60 -11.55 -27.47 10.41
C ALA J 60 -10.97 -26.11 10.08
N THR J 61 -11.07 -25.70 8.82
CA THR J 61 -10.52 -24.42 8.38
C THR J 61 -11.31 -23.24 8.93
N GLU J 62 -12.47 -23.47 9.53
CA GLU J 62 -13.29 -22.39 10.04
C GLU J 62 -13.19 -22.29 11.55
N MET J 63 -12.24 -23.00 12.16
CA MET J 63 -12.10 -22.97 13.61
C MET J 63 -10.83 -22.24 14.01
N GLU J 64 -10.99 -21.14 14.76
CA GLU J 64 -9.82 -20.39 15.24
C GLU J 64 -9.43 -20.90 16.62
N VAL J 65 -8.21 -20.54 17.04
CA VAL J 65 -7.70 -20.89 18.36
C VAL J 65 -7.31 -19.60 19.09
N LEU J 66 -7.81 -19.48 20.32
CA LEU J 66 -7.55 -18.35 21.17
C LEU J 66 -6.76 -18.82 22.40
N LYS J 67 -5.77 -18.05 22.83
CA LYS J 67 -4.98 -18.43 24.01
C LYS J 67 -4.59 -17.20 24.82
N MET K 1 -16.84 -8.12 -13.61
CA MET K 1 -18.03 -8.51 -12.82
C MET K 1 -18.04 -7.86 -11.43
N LYS K 2 -19.23 -7.48 -10.97
CA LYS K 2 -19.40 -7.01 -9.60
C LYS K 2 -19.40 -8.26 -8.72
N ILE K 3 -19.02 -8.14 -7.47
CA ILE K 3 -18.84 -9.23 -6.52
C ILE K 3 -19.62 -8.98 -5.24
N SER K 4 -20.46 -9.94 -4.83
CA SER K 4 -21.25 -9.73 -3.61
C SER K 4 -20.35 -9.56 -2.39
N GLY K 5 -19.23 -10.25 -2.32
CA GLY K 5 -18.36 -10.13 -1.13
C GLY K 5 -18.15 -8.62 -0.89
N ARG K 6 -18.62 -8.12 0.25
CA ARG K 6 -18.57 -6.67 0.47
C ARG K 6 -17.23 -6.05 0.76
N ASN K 7 -16.30 -6.76 1.39
CA ASN K 7 -15.02 -6.17 1.79
C ASN K 7 -13.93 -6.27 0.74
N LYS K 8 -13.56 -5.15 0.16
CA LYS K 8 -12.48 -5.06 -0.83
C LYS K 8 -11.35 -4.23 -0.22
N LEU K 9 -10.17 -4.82 -0.08
CA LEU K 9 -9.02 -4.12 0.49
C LEU K 9 -7.93 -4.04 -0.56
N GLU K 10 -7.67 -2.84 -1.07
CA GLU K 10 -6.66 -2.65 -2.10
C GLU K 10 -5.27 -2.66 -1.44
N ALA K 11 -4.56 -3.77 -1.63
CA ALA K 11 -3.28 -3.99 -0.98
C ALA K 11 -2.17 -4.34 -1.95
N THR K 12 -0.99 -4.57 -1.38
CA THR K 12 0.20 -4.95 -2.10
C THR K 12 0.75 -6.27 -1.59
N VAL K 13 1.09 -7.22 -2.47
CA VAL K 13 1.67 -8.48 -2.01
C VAL K 13 3.07 -8.22 -1.45
N LYS K 14 3.31 -8.63 -0.22
CA LYS K 14 4.57 -8.46 0.46
C LYS K 14 5.41 -9.73 0.39
N GLU K 15 4.78 -10.86 0.65
CA GLU K 15 5.47 -12.15 0.65
C GLU K 15 4.54 -13.29 0.28
N ILE K 16 5.10 -14.34 -0.29
CA ILE K 16 4.36 -15.54 -0.66
C ILE K 16 5.15 -16.77 -0.17
N VAL K 17 4.51 -17.60 0.63
CA VAL K 17 5.11 -18.85 1.10
C VAL K 17 4.29 -20.00 0.51
N LYS K 18 4.92 -20.83 -0.30
CA LYS K 18 4.19 -21.91 -0.97
C LYS K 18 4.36 -23.27 -0.32
N GLY K 19 3.24 -23.90 0.01
CA GLY K 19 3.24 -25.25 0.59
C GLY K 19 2.88 -26.21 -0.55
N THR K 20 2.55 -27.45 -0.21
CA THR K 20 2.18 -28.43 -1.23
C THR K 20 0.79 -28.16 -1.79
N VAL K 21 -0.10 -27.68 -0.92
CA VAL K 21 -1.48 -27.41 -1.27
C VAL K 21 -1.85 -25.95 -1.09
N MET K 22 -1.46 -25.38 0.05
CA MET K 22 -1.80 -24.01 0.39
C MET K 22 -0.62 -23.05 0.24
N ALA K 23 -0.97 -21.76 0.13
CA ALA K 23 0.02 -20.69 0.02
C ALA K 23 -0.34 -19.56 0.96
N LYS K 24 0.64 -19.03 1.68
CA LYS K 24 0.44 -17.88 2.54
C LYS K 24 0.74 -16.64 1.70
N ILE K 25 -0.23 -15.73 1.62
CA ILE K 25 -0.07 -14.49 0.89
C ILE K 25 -0.05 -13.35 1.91
N VAL K 26 1.12 -12.79 2.15
CA VAL K 26 1.25 -11.69 3.10
C VAL K 26 1.12 -10.38 2.32
N MET K 27 0.26 -9.50 2.79
CA MET K 27 0.01 -8.25 2.09
C MET K 27 0.14 -7.03 2.99
N ASP K 28 0.42 -5.90 2.34
CA ASP K 28 0.50 -4.62 3.03
C ASP K 28 -0.76 -3.81 2.71
N TYR K 29 -1.45 -3.33 3.73
CA TYR K 29 -2.68 -2.58 3.52
C TYR K 29 -2.79 -1.37 4.44
N LYS K 30 -2.47 -0.21 3.89
CA LYS K 30 -2.54 1.05 4.62
C LYS K 30 -2.11 0.93 6.07
N GLY K 31 -0.84 0.55 6.27
CA GLY K 31 -0.26 0.43 7.58
C GLY K 31 -0.50 -0.87 8.32
N THR K 32 -1.34 -1.75 7.78
CA THR K 32 -1.62 -3.02 8.46
C THR K 32 -1.21 -4.20 7.59
N GLU K 33 -0.71 -5.26 8.25
CA GLU K 33 -0.33 -6.45 7.51
C GLU K 33 -1.52 -7.41 7.43
N LEU K 34 -1.77 -7.93 6.26
CA LEU K 34 -2.83 -8.92 6.02
C LEU K 34 -2.18 -10.26 5.71
N VAL K 35 -2.90 -11.33 6.00
CA VAL K 35 -2.42 -12.67 5.71
C VAL K 35 -3.59 -13.50 5.13
N ALA K 36 -3.39 -14.00 3.93
CA ALA K 36 -4.43 -14.82 3.28
C ALA K 36 -3.88 -16.22 3.05
N ALA K 37 -4.70 -17.25 3.20
CA ALA K 37 -4.27 -18.63 2.93
C ALA K 37 -5.14 -19.11 1.78
N ILE K 38 -4.57 -19.27 0.60
CA ILE K 38 -5.28 -19.67 -0.61
C ILE K 38 -4.59 -20.89 -1.22
N THR K 39 -5.10 -21.43 -2.32
CA THR K 39 -4.43 -22.60 -2.90
C THR K 39 -3.23 -22.20 -3.76
N ILE K 40 -2.26 -23.11 -3.85
CA ILE K 40 -1.12 -22.83 -4.72
C ILE K 40 -1.64 -22.72 -6.15
N ASP K 41 -2.75 -23.41 -6.47
CA ASP K 41 -3.37 -23.32 -7.78
C ASP K 41 -3.63 -21.86 -8.14
N SER K 42 -4.14 -21.14 -7.16
CA SER K 42 -4.48 -19.72 -7.34
C SER K 42 -3.25 -18.85 -7.55
N VAL K 43 -2.17 -19.14 -6.83
CA VAL K 43 -0.92 -18.38 -7.00
C VAL K 43 -0.48 -18.47 -8.45
N ALA K 44 -0.51 -19.69 -8.99
CA ALA K 44 -0.12 -19.92 -10.37
C ALA K 44 -1.07 -19.26 -11.36
N ASP K 45 -2.37 -19.40 -11.16
CA ASP K 45 -3.36 -18.82 -12.06
C ASP K 45 -3.27 -17.30 -12.13
N LEU K 46 -3.16 -16.67 -10.97
CA LEU K 46 -3.08 -15.21 -10.89
C LEU K 46 -1.67 -14.72 -11.17
N ASP K 47 -0.71 -15.63 -11.18
CA ASP K 47 0.69 -15.29 -11.36
C ASP K 47 1.12 -14.27 -10.30
N LEU K 48 0.73 -14.55 -9.06
CA LEU K 48 1.00 -13.70 -7.93
C LEU K 48 2.49 -13.67 -7.56
N VAL K 49 2.99 -12.45 -7.39
CA VAL K 49 4.37 -12.20 -7.00
C VAL K 49 4.41 -10.98 -6.08
N PRO K 50 5.41 -10.91 -5.24
CA PRO K 50 5.63 -9.76 -4.38
C PRO K 50 5.62 -8.49 -5.22
N GLY K 51 4.93 -7.47 -4.72
CA GLY K 51 4.80 -6.19 -5.39
C GLY K 51 3.50 -6.04 -6.17
N ASP K 52 2.79 -7.14 -6.42
CA ASP K 52 1.55 -7.03 -7.17
C ASP K 52 0.47 -6.27 -6.40
N LYS K 53 -0.22 -5.40 -7.15
CA LYS K 53 -1.39 -4.71 -6.63
C LYS K 53 -2.54 -5.71 -6.71
N VAL K 54 -3.18 -5.97 -5.58
CA VAL K 54 -4.28 -6.92 -5.52
C VAL K 54 -5.40 -6.37 -4.65
N THR K 55 -6.54 -7.06 -4.70
CA THR K 55 -7.67 -6.74 -3.87
C THR K 55 -7.93 -7.93 -2.93
N ALA K 56 -7.74 -7.72 -1.63
CA ALA K 56 -8.05 -8.79 -0.68
C ALA K 56 -9.56 -8.75 -0.51
N LEU K 57 -10.23 -9.89 -0.64
CA LEU K 57 -11.69 -9.94 -0.60
C LEU K 57 -12.22 -10.79 0.54
N VAL K 58 -13.18 -10.29 1.28
CA VAL K 58 -13.78 -10.99 2.40
C VAL K 58 -15.29 -10.81 2.39
N LYS K 59 -16.00 -11.93 2.44
CA LYS K 59 -17.46 -11.90 2.48
C LYS K 59 -17.91 -11.30 3.81
N ALA K 60 -19.01 -10.53 3.80
CA ALA K 60 -19.49 -9.89 5.02
C ALA K 60 -19.74 -10.87 6.17
N THR K 61 -20.27 -12.04 5.80
CA THR K 61 -20.59 -13.06 6.78
C THR K 61 -19.37 -13.74 7.39
N GLU K 62 -18.18 -13.46 6.87
CA GLU K 62 -16.95 -14.02 7.37
C GLU K 62 -16.09 -13.04 8.15
N MET K 63 -16.66 -11.88 8.50
CA MET K 63 -15.91 -10.89 9.28
C MET K 63 -16.50 -10.73 10.67
N GLU K 64 -15.68 -10.95 11.70
CA GLU K 64 -16.12 -10.81 13.07
C GLU K 64 -15.79 -9.40 13.57
N VAL K 65 -16.34 -9.03 14.70
CA VAL K 65 -16.07 -7.72 15.29
C VAL K 65 -15.61 -7.95 16.73
N LEU K 66 -14.54 -7.29 17.12
CA LEU K 66 -13.99 -7.40 18.46
C LEU K 66 -14.06 -6.03 19.15
N LYS K 67 -14.34 -6.02 20.43
CA LYS K 67 -14.42 -4.75 21.14
C LYS K 67 -14.09 -4.95 22.62
N MET L 1 -6.53 -12.30 25.45
CA MET L 1 -6.01 -13.52 24.78
C MET L 1 -5.51 -13.21 23.36
N LYS L 2 -4.51 -13.95 22.90
CA LYS L 2 -4.06 -13.81 21.52
C LYS L 2 -5.07 -14.58 20.66
N ILE L 3 -5.24 -14.18 19.41
CA ILE L 3 -6.21 -14.79 18.51
C ILE L 3 -5.54 -15.30 17.24
N SER L 4 -5.84 -16.54 16.84
CA SER L 4 -5.24 -17.07 15.62
C SER L 4 -5.67 -16.31 14.36
N GLY L 5 -6.91 -15.83 14.31
CA GLY L 5 -7.34 -15.09 13.10
C GLY L 5 -6.30 -14.02 12.82
N ARG L 6 -5.67 -14.08 11.65
CA ARG L 6 -4.54 -13.20 11.39
C ARG L 6 -4.86 -11.76 11.02
N ASN L 7 -6.04 -11.50 10.48
CA ASN L 7 -6.35 -10.15 10.01
C ASN L 7 -7.10 -9.33 11.02
N LYS L 8 -6.45 -8.30 11.55
CA LYS L 8 -7.07 -7.40 12.51
C LYS L 8 -7.06 -6.00 11.88
N LEU L 9 -8.22 -5.37 11.77
CA LEU L 9 -8.31 -4.02 11.24
C LEU L 9 -8.96 -3.10 12.28
N GLU L 10 -8.19 -2.12 12.76
CA GLU L 10 -8.72 -1.18 13.75
C GLU L 10 -9.63 -0.20 13.02
N ALA L 11 -10.94 -0.30 13.27
CA ALA L 11 -11.89 0.49 12.52
C ALA L 11 -12.88 1.21 13.42
N THR L 12 -13.76 2.01 12.80
CA THR L 12 -14.77 2.74 13.52
C THR L 12 -16.14 2.30 13.02
N VAL L 13 -17.09 2.08 13.92
CA VAL L 13 -18.44 1.70 13.49
C VAL L 13 -19.18 2.95 12.99
N LYS L 14 -19.75 2.89 11.81
CA LYS L 14 -20.52 3.97 11.23
C LYS L 14 -22.04 3.72 11.29
N GLU L 15 -22.46 2.46 11.14
CA GLU L 15 -23.89 2.16 11.09
C GLU L 15 -24.17 0.73 11.54
N ILE L 16 -25.32 0.54 12.17
CA ILE L 16 -25.75 -0.77 12.61
C ILE L 16 -27.20 -0.97 12.18
N VAL L 17 -27.48 -2.05 11.46
CA VAL L 17 -28.83 -2.37 11.04
C VAL L 17 -29.16 -3.77 11.59
N LYS L 18 -30.17 -3.86 12.42
CA LYS L 18 -30.54 -5.13 13.03
C LYS L 18 -31.71 -5.79 12.31
N GLY L 19 -31.49 -7.04 11.92
CA GLY L 19 -32.52 -7.88 11.33
C GLY L 19 -33.04 -8.80 12.45
N THR L 20 -33.77 -9.85 12.07
CA THR L 20 -34.29 -10.78 13.08
C THR L 20 -33.19 -11.64 13.68
N VAL L 21 -32.21 -12.00 12.87
CA VAL L 21 -31.13 -12.88 13.33
C VAL L 21 -29.77 -12.20 13.15
N MET L 22 -29.56 -11.63 11.96
CA MET L 22 -28.29 -10.97 11.68
C MET L 22 -28.36 -9.45 11.80
N ALA L 23 -27.19 -8.87 11.96
CA ALA L 23 -26.99 -7.43 12.03
C ALA L 23 -25.90 -7.02 11.04
N LYS L 24 -26.10 -5.93 10.33
CA LYS L 24 -25.12 -5.38 9.41
C LYS L 24 -24.31 -4.34 10.20
N ILE L 25 -23.00 -4.52 10.27
CA ILE L 25 -22.13 -3.58 10.95
C ILE L 25 -21.27 -2.88 9.89
N VAL L 26 -21.56 -1.60 9.62
CA VAL L 26 -20.81 -0.87 8.58
C VAL L 26 -19.68 -0.13 9.29
N MET L 27 -18.45 -0.30 8.85
CA MET L 27 -17.32 0.32 9.51
C MET L 27 -16.44 1.09 8.53
N ASP L 28 -15.57 1.92 9.10
CA ASP L 28 -14.60 2.64 8.30
C ASP L 28 -13.20 2.22 8.75
N TYR L 29 -12.38 1.87 7.77
CA TYR L 29 -10.99 1.55 8.02
C TYR L 29 -10.15 2.51 7.15
N LYS L 30 -9.65 3.55 7.79
CA LYS L 30 -8.83 4.54 7.08
C LYS L 30 -9.41 4.94 5.73
N GLY L 31 -10.72 5.22 5.73
CA GLY L 31 -11.40 5.68 4.53
C GLY L 31 -12.01 4.60 3.67
N THR L 32 -11.79 3.33 4.00
CA THR L 32 -12.38 2.23 3.24
C THR L 32 -13.56 1.68 4.03
N GLU L 33 -14.71 1.49 3.38
CA GLU L 33 -15.87 0.97 4.07
C GLU L 33 -15.77 -0.55 4.21
N LEU L 34 -16.02 -1.02 5.41
CA LEU L 34 -16.10 -2.46 5.69
C LEU L 34 -17.54 -2.80 6.04
N VAL L 35 -17.96 -4.03 5.79
CA VAL L 35 -19.28 -4.51 6.15
C VAL L 35 -19.17 -5.91 6.76
N ALA L 36 -19.59 -6.05 8.01
CA ALA L 36 -19.61 -7.35 8.68
C ALA L 36 -21.07 -7.73 8.92
N ALA L 37 -21.38 -9.02 8.81
CA ALA L 37 -22.72 -9.51 9.15
C ALA L 37 -22.53 -10.44 10.35
N ILE L 38 -22.96 -10.04 11.52
CA ILE L 38 -22.83 -10.83 12.75
C ILE L 38 -24.20 -11.06 13.38
N THR L 39 -24.31 -11.83 14.46
CA THR L 39 -25.65 -12.03 15.05
C THR L 39 -26.08 -10.81 15.85
N ILE L 40 -27.40 -10.63 16.01
CA ILE L 40 -27.87 -9.49 16.80
C ILE L 40 -27.43 -9.67 18.26
N ASP L 41 -27.27 -10.91 18.68
CA ASP L 41 -26.82 -11.24 20.02
C ASP L 41 -25.46 -10.60 20.30
N SER L 42 -24.59 -10.61 19.28
CA SER L 42 -23.26 -10.02 19.44
C SER L 42 -23.33 -8.52 19.60
N VAL L 43 -24.28 -7.89 18.92
CA VAL L 43 -24.42 -6.42 19.06
C VAL L 43 -24.71 -6.09 20.51
N ALA L 44 -25.60 -6.87 21.13
CA ALA L 44 -25.97 -6.64 22.53
C ALA L 44 -24.84 -7.00 23.47
N ASP L 45 -24.20 -8.15 23.27
CA ASP L 45 -23.11 -8.57 24.13
C ASP L 45 -21.94 -7.59 24.12
N LEU L 46 -21.52 -7.14 22.95
CA LEU L 46 -20.42 -6.21 22.80
C LEU L 46 -20.83 -4.77 23.04
N ASP L 47 -22.13 -4.56 23.20
CA ASP L 47 -22.67 -3.21 23.39
C ASP L 47 -22.18 -2.30 22.27
N LEU L 48 -22.28 -2.79 21.03
CA LEU L 48 -21.87 -2.06 19.86
C LEU L 48 -22.79 -0.88 19.54
N VAL L 49 -22.18 0.27 19.33
CA VAL L 49 -22.91 1.49 19.01
C VAL L 49 -22.12 2.27 17.96
N PRO L 50 -22.79 2.86 16.98
CA PRO L 50 -22.12 3.66 15.97
C PRO L 50 -21.21 4.67 16.65
N GLY L 51 -19.99 4.76 16.16
CA GLY L 51 -19.00 5.66 16.73
C GLY L 51 -17.93 4.89 17.51
N ASP L 52 -18.25 3.66 17.91
CA ASP L 52 -17.30 2.85 18.64
C ASP L 52 -16.04 2.51 17.84
N LYS L 53 -14.94 2.40 18.56
CA LYS L 53 -13.69 1.94 17.99
C LYS L 53 -13.70 0.40 18.17
N VAL L 54 -13.52 -0.33 17.09
CA VAL L 54 -13.53 -1.78 17.16
C VAL L 54 -12.42 -2.36 16.30
N THR L 55 -12.30 -3.69 16.37
CA THR L 55 -11.33 -4.41 15.55
C THR L 55 -12.08 -5.41 14.67
N ALA L 56 -12.01 -5.22 13.37
CA ALA L 56 -12.63 -6.19 12.45
C ALA L 56 -11.67 -7.37 12.37
N LEU L 57 -12.19 -8.59 12.43
CA LEU L 57 -11.34 -9.77 12.45
C LEU L 57 -11.67 -10.76 11.34
N VAL L 58 -10.66 -11.20 10.62
CA VAL L 58 -10.89 -12.14 9.52
C VAL L 58 -9.85 -13.27 9.59
N LYS L 59 -10.35 -14.51 9.61
CA LYS L 59 -9.41 -15.64 9.58
C LYS L 59 -8.71 -15.67 8.23
N ALA L 60 -7.42 -16.04 8.23
CA ALA L 60 -6.64 -16.06 7.00
C ALA L 60 -7.24 -16.93 5.89
N THR L 61 -7.83 -18.05 6.27
CA THR L 61 -8.41 -18.99 5.32
C THR L 61 -9.69 -18.50 4.67
N GLU L 62 -10.22 -17.38 5.18
CA GLU L 62 -11.44 -16.78 4.66
C GLU L 62 -11.19 -15.58 3.77
N MET L 63 -9.92 -15.30 3.49
CA MET L 63 -9.60 -14.14 2.67
C MET L 63 -9.13 -14.56 1.28
N GLU L 64 -9.85 -14.11 0.25
CA GLU L 64 -9.48 -14.38 -1.12
C GLU L 64 -8.59 -13.23 -1.63
N VAL L 65 -7.98 -13.48 -2.78
CA VAL L 65 -7.13 -12.49 -3.44
C VAL L 65 -7.59 -12.31 -4.88
N LEU L 66 -7.77 -11.07 -5.31
CA LEU L 66 -8.17 -10.79 -6.67
C LEU L 66 -7.04 -10.01 -7.33
N LYS L 67 -6.76 -10.28 -8.60
CA LYS L 67 -5.69 -9.54 -9.28
C LYS L 67 -6.15 -9.23 -10.70
W WO4 M . 23.47 28.34 -7.66
O1 WO4 M . 24.60 29.69 -7.31
O2 WO4 M . 22.03 28.95 -8.45
O3 WO4 M . 23.06 27.58 -6.17
O4 WO4 M . 24.28 27.17 -8.69
W WO4 N . 5.58 9.32 -17.30
O1 WO4 N . 5.95 10.97 -17.75
O2 WO4 N . 7.04 8.34 -17.27
O3 WO4 N . 4.78 9.32 -15.74
O4 WO4 N . 4.49 8.63 -18.51
W WO4 O . 17.36 9.21 -11.16
O1 WO4 O . 16.95 7.76 -12.11
O2 WO4 O . 17.64 8.79 -9.53
O3 WO4 O . 15.94 10.29 -11.28
O4 WO4 O . 18.72 10.09 -11.82
W WO4 P . 26.74 29.76 5.24
O1 WO4 P . 27.27 28.13 5.57
O2 WO4 P . 27.30 30.31 3.68
O3 WO4 P . 24.98 29.83 5.32
O4 WO4 P . 27.42 30.84 6.47
W WO4 Q . 13.96 26.42 3.01
O1 WO4 Q . 14.25 27.49 4.41
O2 WO4 Q . 13.14 24.95 3.49
O3 WO4 Q . 15.56 26.00 2.39
O4 WO4 Q . 13.02 27.25 1.80
W WO4 R . 11.66 21.20 -16.66
O1 WO4 R . 10.87 20.92 -18.19
O2 WO4 R . 13.38 21.55 -16.88
O3 WO4 R . 11.51 19.76 -15.70
O4 WO4 R . 10.95 22.58 -15.83
W WO4 S . 24.87 17.16 1.32
O1 WO4 S . 26.20 17.42 2.48
O2 WO4 S . 25.40 16.42 -0.16
O3 WO4 S . 24.19 18.75 0.90
O4 WO4 S . 23.59 16.19 2.01
W WO4 T . 5.60 14.91 -5.15
O1 WO4 T . 4.12 14.02 -5.59
O2 WO4 T . 5.25 16.56 -4.68
O3 WO4 T . 6.65 14.86 -6.53
O4 WO4 T . 6.38 14.10 -3.80
W WO4 U . -27.06 -23.30 5.64
O1 WO4 U . -28.83 -23.29 5.76
O2 WO4 U . -26.40 -24.40 6.81
O3 WO4 U . -26.50 -21.63 5.95
O4 WO4 U . -26.59 -23.72 4.02
W WO4 V . 0.34 -27.49 3.56
O1 WO4 V . 0.00 -27.12 1.88
O2 WO4 V . 0.18 -26.05 4.55
O3 WO4 V . -0.73 -28.75 4.13
O4 WO4 V . 2.01 -28.08 3.71
W WO4 W . -8.85 -20.22 -2.88
O1 WO4 W . -7.44 -20.59 -3.84
O2 WO4 W . -9.09 -18.45 -2.79
O3 WO4 W . -8.62 -20.91 -1.32
O4 WO4 W . -10.30 -20.95 -3.59
W WO4 X . -21.06 -13.97 15.00
O1 WO4 X . -22.24 -13.08 15.97
O2 WO4 X . -19.57 -13.09 14.85
O3 WO4 X . -21.76 -14.22 13.41
O4 WO4 X . -20.77 -15.55 15.74
W WO4 Y . -12.27 -30.41 6.64
O1 WO4 Y . -11.20 -31.84 6.51
O2 WO4 Y . -13.61 -30.56 5.53
O3 WO4 Y . -11.32 -29.00 6.17
O4 WO4 Y . -12.91 -30.20 8.24
W WO4 Z . -21.85 -10.74 0.93
O1 WO4 Z . -23.10 -9.53 0.50
O2 WO4 Z . -21.53 -11.69 -0.48
O3 WO4 Z . -22.42 -11.72 2.23
O4 WO4 Z . -20.37 -9.90 1.45
W WO4 AA . -5.76 -18.31 11.15
O1 WO4 AA . -4.01 -18.55 11.51
O2 WO4 AA . -6.77 -18.52 12.46
O3 WO4 AA . -6.13 -19.45 9.85
O4 WO4 AA . -5.90 -16.66 10.50
W WO4 BA . -32.64 -11.57 8.64
O1 WO4 BA . -33.36 -13.08 8.10
O2 WO4 BA . -31.32 -11.87 9.74
O3 WO4 BA . -32.14 -10.56 7.30
O4 WO4 BA . -33.90 -10.69 9.54
#